data_3QTL
#
_entry.id   3QTL
#
_cell.length_a   73.840
_cell.length_b   65.072
_cell.length_c   111.909
_cell.angle_alpha   90.00
_cell.angle_beta   95.44
_cell.angle_gamma   90.00
#
_symmetry.space_group_name_H-M   'P 1 21 1'
#
loop_
_entity.id
_entity.type
_entity.pdbx_description
1 polymer 'Subtilisin-like serin protease'
2 polymer 'Kazal-type serine protease inhibitor SPI-1'
3 water water
#
loop_
_entity_poly.entity_id
_entity_poly.type
_entity_poly.pdbx_seq_one_letter_code
_entity_poly.pdbx_strand_id
1 'polypeptide(L)'
;AQTVPYGIPLIKADKVQAQGFKGANVKVAVLDTGIQASHPDLNVVGGASFVAGEAYNTDGNGHGTHVAGTVAALDNTTGV
LGVAPSVSLYAVKVLNSSGSGSYSGIVSGIEWATTNGMDVINMSLGGASGSTAMKQAVDNAYARGVVVVAAAGNSGSSGN
TNTIGYPAKYDSVIAVGAVDSNSNRASFSSVGAELEVMAPGAGVYSTYPTNTYATLNGTSMASPHVAGAAALILSKHPNL
SASQVRNRLSSTATYLGSSFYYGKGLINVEAAAQ
;
A,B,C
2 'polypeptide(L)' APCPHTYKPVCGANGEVYDNECFLNKAGIEPAESWETCRGHELCPSVCTEEYDPVCVEGKIYGNRCMQSHFCGKV D
#
# COMPACT_ATOMS: atom_id res chain seq x y z
N ALA A 1 11.47 -28.59 -6.67
CA ALA A 1 12.91 -28.44 -6.47
C ALA A 1 13.46 -27.07 -6.86
N GLN A 2 12.88 -26.42 -7.86
CA GLN A 2 13.27 -25.03 -8.07
C GLN A 2 12.34 -24.09 -7.32
N THR A 3 12.90 -23.01 -6.81
CA THR A 3 12.15 -22.06 -6.02
C THR A 3 12.07 -20.72 -6.76
N VAL A 4 10.86 -20.20 -6.89
CA VAL A 4 10.65 -18.94 -7.56
C VAL A 4 10.55 -17.81 -6.54
N PRO A 5 11.63 -17.01 -6.42
CA PRO A 5 11.60 -15.89 -5.49
C PRO A 5 10.39 -15.02 -5.82
N TYR A 6 9.75 -14.45 -4.80
CA TYR A 6 8.52 -13.68 -5.02
C TYR A 6 8.74 -12.57 -6.03
N GLY A 7 9.96 -12.06 -6.10
CA GLY A 7 10.28 -10.91 -6.93
C GLY A 7 10.10 -11.14 -8.41
N ILE A 8 10.27 -12.38 -8.87
CA ILE A 8 10.11 -12.70 -10.29
C ILE A 8 8.65 -12.50 -10.75
N PRO A 9 7.69 -13.16 -10.09
CA PRO A 9 6.30 -12.94 -10.50
C PRO A 9 5.79 -11.52 -10.16
N LEU A 10 6.39 -10.87 -9.17
CA LEU A 10 5.96 -9.54 -8.75
C LEU A 10 6.15 -8.49 -9.84
N ILE A 11 7.29 -8.54 -10.52
CA ILE A 11 7.53 -7.65 -11.66
C ILE A 11 6.99 -8.33 -12.92
N LYS A 12 6.30 -9.44 -12.71
CA LYS A 12 5.66 -10.22 -13.78
C LYS A 12 6.61 -10.74 -14.85
N ALA A 13 7.80 -11.16 -14.43
CA ALA A 13 8.81 -11.68 -15.37
C ALA A 13 8.53 -13.11 -15.79
N ASP A 14 7.78 -13.84 -14.97
CA ASP A 14 7.36 -15.20 -15.33
C ASP A 14 6.45 -15.17 -16.56
N LYS A 15 5.52 -14.22 -16.59
CA LYS A 15 4.59 -14.07 -17.70
C LYS A 15 5.33 -13.89 -19.02
N VAL A 16 6.37 -13.05 -18.99
CA VAL A 16 7.20 -12.80 -20.17
C VAL A 16 8.00 -14.04 -20.56
N GLN A 17 8.60 -14.70 -19.58
CA GLN A 17 9.30 -15.96 -19.82
C GLN A 17 8.34 -16.97 -20.43
N ALA A 18 7.10 -16.98 -19.94
CA ALA A 18 6.08 -17.89 -20.46
C ALA A 18 5.86 -17.68 -21.94
N GLN A 19 6.10 -16.46 -22.43
CA GLN A 19 5.95 -16.18 -23.85
C GLN A 19 7.07 -16.81 -24.65
N GLY A 20 8.17 -17.11 -23.98
CA GLY A 20 9.34 -17.68 -24.62
C GLY A 20 10.48 -16.70 -24.73
N PHE A 21 10.42 -15.61 -23.96
CA PHE A 21 11.52 -14.64 -23.97
C PHE A 21 12.21 -14.62 -22.62
N LYS A 22 13.46 -15.06 -22.62
CA LYS A 22 14.19 -15.32 -21.39
C LYS A 22 15.54 -14.60 -21.37
N GLY A 23 15.75 -13.74 -22.36
CA GLY A 23 16.97 -12.95 -22.41
C GLY A 23 18.06 -13.58 -23.22
N ALA A 24 17.72 -14.61 -23.98
CA ALA A 24 18.71 -15.33 -24.78
C ALA A 24 19.54 -14.36 -25.62
N ASN A 25 20.84 -14.64 -25.71
CA ASN A 25 21.75 -13.82 -26.51
C ASN A 25 21.83 -12.36 -26.11
N VAL A 26 21.38 -12.04 -24.90
CA VAL A 26 21.52 -10.70 -24.37
C VAL A 26 22.69 -10.70 -23.39
N LYS A 27 23.63 -9.80 -23.63
CA LYS A 27 24.85 -9.75 -22.82
C LYS A 27 24.68 -8.83 -21.63
N VAL A 28 24.75 -9.41 -20.43
CA VAL A 28 24.59 -8.64 -19.22
C VAL A 28 25.84 -8.70 -18.36
N ALA A 29 26.30 -7.53 -17.91
CA ALA A 29 27.48 -7.46 -17.09
C ALA A 29 27.12 -7.03 -15.67
N VAL A 30 27.54 -7.83 -14.70
CA VAL A 30 27.34 -7.54 -13.30
C VAL A 30 28.64 -6.99 -12.71
N LEU A 31 28.71 -5.67 -12.53
CA LEU A 31 29.90 -5.06 -11.96
C LEU A 31 29.82 -5.16 -10.45
N ASP A 32 30.59 -6.08 -9.88
CA ASP A 32 30.41 -6.45 -8.49
C ASP A 32 31.65 -7.12 -7.93
N THR A 33 31.47 -7.93 -6.90
CA THR A 33 32.57 -8.59 -6.22
C THR A 33 32.96 -9.88 -6.94
N GLY A 34 32.47 -10.05 -8.16
CA GLY A 34 32.70 -11.27 -8.92
C GLY A 34 31.51 -12.22 -8.82
N ILE A 35 31.59 -13.35 -9.52
CA ILE A 35 30.52 -14.33 -9.47
C ILE A 35 31.11 -15.71 -9.27
N GLN A 36 30.54 -16.50 -8.37
CA GLN A 36 30.93 -17.89 -8.24
C GLN A 36 30.46 -18.65 -9.47
N ALA A 37 31.32 -18.71 -10.48
CA ALA A 37 30.98 -19.39 -11.72
C ALA A 37 30.58 -20.87 -11.56
N SER A 38 31.24 -21.57 -10.63
CA SER A 38 31.01 -23.01 -10.46
C SER A 38 29.67 -23.37 -9.82
N HIS A 39 28.98 -22.38 -9.26
CA HIS A 39 27.64 -22.58 -8.71
C HIS A 39 26.75 -23.27 -9.74
N PRO A 40 26.09 -24.36 -9.33
CA PRO A 40 25.29 -25.18 -10.25
C PRO A 40 24.19 -24.38 -10.96
N ASP A 41 23.69 -23.33 -10.33
CA ASP A 41 22.53 -22.61 -10.86
C ASP A 41 22.93 -21.37 -11.68
N LEU A 42 24.23 -21.16 -11.86
CA LEU A 42 24.73 -20.02 -12.62
C LEU A 42 25.61 -20.46 -13.78
N ASN A 43 25.52 -19.73 -14.88
CA ASN A 43 26.38 -19.96 -16.02
C ASN A 43 27.09 -18.66 -16.40
N VAL A 44 28.33 -18.51 -15.94
CA VAL A 44 29.15 -17.35 -16.29
C VAL A 44 29.88 -17.61 -17.60
N VAL A 45 29.75 -16.70 -18.54
CA VAL A 45 30.24 -16.94 -19.89
C VAL A 45 31.48 -16.12 -20.21
N GLY A 46 31.76 -15.14 -19.36
CA GLY A 46 32.94 -14.32 -19.55
C GLY A 46 33.01 -13.19 -18.53
N GLY A 47 33.93 -12.26 -18.75
CA GLY A 47 34.10 -11.14 -17.83
C GLY A 47 35.54 -10.69 -17.77
N ALA A 48 35.85 -9.91 -16.73
CA ALA A 48 37.19 -9.38 -16.56
C ALA A 48 37.35 -9.00 -15.10
N SER A 49 38.59 -8.75 -14.68
CA SER A 49 38.86 -8.40 -13.30
C SER A 49 39.77 -7.19 -13.14
N PHE A 50 39.39 -6.28 -12.25
CA PHE A 50 40.20 -5.11 -11.97
C PHE A 50 40.50 -5.05 -10.48
N VAL A 51 40.66 -6.23 -9.89
CA VAL A 51 40.97 -6.37 -8.47
C VAL A 51 42.23 -7.20 -8.34
N ALA A 52 43.31 -6.56 -7.93
CA ALA A 52 44.62 -7.19 -7.89
C ALA A 52 44.57 -8.58 -7.25
N GLY A 53 44.90 -9.59 -8.03
CA GLY A 53 45.07 -10.94 -7.52
C GLY A 53 43.91 -11.89 -7.78
N GLU A 54 42.77 -11.36 -8.19
CA GLU A 54 41.57 -12.17 -8.35
C GLU A 54 41.08 -12.25 -9.79
N ALA A 55 40.67 -13.44 -10.21
CA ALA A 55 40.02 -13.61 -11.50
C ALA A 55 38.56 -13.22 -11.36
N TYR A 56 37.80 -13.31 -12.45
CA TYR A 56 36.40 -12.92 -12.41
C TYR A 56 35.48 -14.07 -11.98
N ASN A 57 35.98 -15.30 -12.07
CA ASN A 57 35.18 -16.50 -11.81
C ASN A 57 35.08 -16.88 -10.34
N THR A 58 35.52 -16.01 -9.45
CA THR A 58 35.31 -16.22 -8.03
C THR A 58 34.67 -14.99 -7.39
N ASP A 59 34.04 -15.21 -6.24
CA ASP A 59 33.42 -14.13 -5.49
C ASP A 59 33.72 -14.38 -4.02
N GLY A 60 34.64 -13.59 -3.47
CA GLY A 60 35.03 -13.77 -2.08
C GLY A 60 34.10 -13.08 -1.10
N ASN A 61 33.08 -12.39 -1.62
CA ASN A 61 32.19 -11.62 -0.76
C ASN A 61 30.81 -12.27 -0.60
N GLY A 62 30.16 -12.53 -1.73
CA GLY A 62 28.82 -13.11 -1.73
C GLY A 62 27.83 -12.23 -2.46
N HIS A 63 28.02 -10.92 -2.36
CA HIS A 63 27.15 -9.92 -2.97
C HIS A 63 27.00 -10.14 -4.47
N GLY A 64 28.13 -10.15 -5.18
CA GLY A 64 28.12 -10.32 -6.62
C GLY A 64 27.31 -11.49 -7.12
N THR A 65 27.36 -12.59 -6.38
CA THR A 65 26.73 -13.83 -6.79
C THR A 65 25.23 -13.76 -6.53
N HIS A 66 24.85 -13.03 -5.49
CA HIS A 66 23.45 -12.84 -5.18
C HIS A 66 22.78 -12.07 -6.31
N VAL A 67 23.33 -10.90 -6.61
CA VAL A 67 22.86 -10.06 -7.69
C VAL A 67 22.77 -10.81 -9.02
N ALA A 68 23.81 -11.55 -9.37
CA ALA A 68 23.81 -12.30 -10.62
C ALA A 68 22.65 -13.31 -10.65
N GLY A 69 22.44 -13.98 -9.51
CA GLY A 69 21.34 -14.93 -9.37
C GLY A 69 19.98 -14.33 -9.71
N THR A 70 19.73 -13.13 -9.22
CA THR A 70 18.47 -12.44 -9.47
C THR A 70 18.30 -12.15 -10.96
N VAL A 71 19.39 -11.76 -11.62
CA VAL A 71 19.40 -11.52 -13.05
C VAL A 71 19.20 -12.80 -13.84
N ALA A 72 19.94 -13.85 -13.51
CA ALA A 72 20.04 -14.98 -14.44
C ALA A 72 20.21 -16.38 -13.86
N ALA A 73 19.78 -16.61 -12.62
CA ALA A 73 19.80 -17.97 -12.09
C ALA A 73 19.06 -18.91 -13.06
N LEU A 74 19.63 -20.09 -13.27
CA LEU A 74 19.14 -21.01 -14.28
C LEU A 74 17.75 -21.56 -14.02
N ASP A 75 16.93 -21.56 -15.06
CA ASP A 75 15.60 -22.15 -15.04
C ASP A 75 15.75 -23.66 -14.96
N ASN A 76 15.54 -24.21 -13.76
CA ASN A 76 16.02 -25.55 -13.43
C ASN A 76 15.05 -26.41 -12.63
N THR A 77 15.57 -27.56 -12.22
CA THR A 77 15.03 -28.40 -11.16
C THR A 77 15.73 -27.97 -9.88
N THR A 78 16.51 -26.90 -9.96
CA THR A 78 17.43 -26.60 -8.88
C THR A 78 17.50 -25.13 -8.50
N GLY A 79 17.85 -24.88 -7.24
CA GLY A 79 18.03 -23.55 -6.72
C GLY A 79 16.87 -22.61 -6.93
N VAL A 80 17.17 -21.45 -7.53
CA VAL A 80 16.20 -20.40 -7.73
C VAL A 80 16.02 -20.16 -9.21
N LEU A 81 15.41 -19.02 -9.54
CA LEU A 81 15.11 -18.66 -10.93
C LEU A 81 15.31 -17.17 -11.16
N GLY A 82 16.10 -16.82 -12.17
CA GLY A 82 16.35 -15.43 -12.48
C GLY A 82 15.27 -14.77 -13.33
N VAL A 83 15.37 -13.44 -13.44
CA VAL A 83 14.43 -12.69 -14.26
C VAL A 83 14.62 -13.03 -15.74
N ALA A 84 15.88 -13.17 -16.14
CA ALA A 84 16.24 -13.51 -17.51
C ALA A 84 17.23 -14.69 -17.53
N PRO A 85 16.72 -15.90 -17.27
CA PRO A 85 17.57 -17.07 -17.04
C PRO A 85 18.40 -17.53 -18.26
N SER A 86 18.10 -17.05 -19.45
CA SER A 86 18.85 -17.45 -20.65
C SER A 86 19.97 -16.47 -21.02
N VAL A 87 20.05 -15.38 -20.27
CA VAL A 87 21.01 -14.30 -20.52
C VAL A 87 22.45 -14.79 -20.68
N SER A 88 23.24 -14.05 -21.45
CA SER A 88 24.69 -14.27 -21.50
C SER A 88 25.35 -13.45 -20.42
N LEU A 89 25.86 -14.13 -19.40
CA LEU A 89 26.22 -13.50 -18.15
C LEU A 89 27.73 -13.31 -18.00
N TYR A 90 28.12 -12.09 -17.63
CA TYR A 90 29.51 -11.74 -17.51
C TYR A 90 29.79 -11.17 -16.12
N ALA A 91 30.83 -11.69 -15.49
CA ALA A 91 31.29 -11.19 -14.21
C ALA A 91 32.38 -10.15 -14.44
N VAL A 92 32.14 -8.94 -13.97
CA VAL A 92 33.14 -7.88 -14.04
C VAL A 92 33.46 -7.44 -12.62
N LYS A 93 34.56 -7.94 -12.08
CA LYS A 93 34.91 -7.71 -10.69
C LYS A 93 35.55 -6.34 -10.48
N VAL A 94 34.85 -5.48 -9.74
CA VAL A 94 35.32 -4.13 -9.51
C VAL A 94 35.32 -3.82 -8.01
N LEU A 95 34.79 -4.74 -7.23
CA LEU A 95 34.77 -4.62 -5.77
C LEU A 95 35.55 -5.80 -5.19
N ASN A 96 36.27 -5.56 -4.10
CA ASN A 96 37.06 -6.63 -3.48
C ASN A 96 36.19 -7.52 -2.60
N SER A 97 36.81 -8.46 -1.90
CA SER A 97 36.08 -9.40 -1.06
C SER A 97 35.38 -8.73 0.12
N SER A 98 35.80 -7.51 0.45
CA SER A 98 35.14 -6.73 1.50
C SER A 98 34.02 -5.89 0.90
N GLY A 99 33.90 -5.94 -0.42
CA GLY A 99 32.85 -5.23 -1.12
C GLY A 99 33.18 -3.81 -1.53
N SER A 100 34.42 -3.37 -1.32
CA SER A 100 34.77 -2.00 -1.67
C SER A 100 35.56 -1.89 -2.97
N GLY A 101 35.33 -0.80 -3.68
CA GLY A 101 36.02 -0.54 -4.93
C GLY A 101 36.40 0.91 -5.03
N SER A 102 37.24 1.22 -6.01
CA SER A 102 37.66 2.61 -6.24
C SER A 102 36.98 3.14 -7.48
N TYR A 103 36.90 4.46 -7.60
CA TYR A 103 36.27 5.06 -8.77
C TYR A 103 36.93 4.59 -10.07
N SER A 104 38.25 4.48 -10.08
CA SER A 104 38.94 4.03 -11.28
C SER A 104 38.70 2.54 -11.54
N GLY A 105 38.56 1.77 -10.47
CA GLY A 105 38.22 0.36 -10.59
C GLY A 105 36.86 0.17 -11.24
N ILE A 106 35.89 0.95 -10.80
CA ILE A 106 34.56 0.88 -11.35
C ILE A 106 34.52 1.47 -12.75
N VAL A 107 35.35 2.49 -12.99
CA VAL A 107 35.43 3.08 -14.32
C VAL A 107 36.00 2.07 -15.33
N SER A 108 37.05 1.36 -14.94
CA SER A 108 37.61 0.30 -15.78
C SER A 108 36.54 -0.73 -16.13
N GLY A 109 35.67 -1.06 -15.17
CA GLY A 109 34.62 -2.03 -15.40
C GLY A 109 33.62 -1.55 -16.43
N ILE A 110 33.17 -0.31 -16.26
CA ILE A 110 32.26 0.32 -17.20
C ILE A 110 32.85 0.30 -18.62
N GLU A 111 34.06 0.83 -18.75
CA GLU A 111 34.72 0.89 -20.04
C GLU A 111 34.87 -0.49 -20.68
N TRP A 112 35.16 -1.50 -19.87
CA TRP A 112 35.28 -2.85 -20.39
C TRP A 112 33.94 -3.33 -20.96
N ALA A 113 32.86 -2.97 -20.28
CA ALA A 113 31.54 -3.39 -20.70
C ALA A 113 31.16 -2.72 -22.01
N THR A 114 31.38 -1.42 -22.09
CA THR A 114 31.13 -0.64 -23.30
C THR A 114 31.91 -1.18 -24.50
N THR A 115 33.17 -1.52 -24.27
CA THR A 115 34.05 -1.99 -25.33
C THR A 115 33.66 -3.39 -25.79
N ASN A 116 33.25 -4.23 -24.84
CA ASN A 116 32.94 -5.61 -25.16
C ASN A 116 31.49 -5.84 -25.60
N GLY A 117 30.75 -4.74 -25.75
CA GLY A 117 29.42 -4.79 -26.34
C GLY A 117 28.30 -5.32 -25.45
N MET A 118 28.43 -5.12 -24.15
CA MET A 118 27.37 -5.48 -23.21
C MET A 118 26.08 -4.70 -23.53
N ASP A 119 24.94 -5.38 -23.44
CA ASP A 119 23.65 -4.73 -23.63
C ASP A 119 23.25 -4.02 -22.35
N VAL A 120 23.54 -4.65 -21.23
CA VAL A 120 23.11 -4.13 -19.95
C VAL A 120 24.26 -4.13 -18.96
N ILE A 121 24.34 -3.07 -18.16
CA ILE A 121 25.23 -3.04 -17.01
C ILE A 121 24.40 -2.95 -15.74
N ASN A 122 24.70 -3.80 -14.77
CA ASN A 122 24.15 -3.62 -13.44
C ASN A 122 25.22 -3.16 -12.46
N MET A 123 24.90 -2.12 -11.69
CA MET A 123 25.82 -1.64 -10.67
C MET A 123 25.13 -1.54 -9.31
N SER A 124 25.14 -2.65 -8.57
CA SER A 124 24.55 -2.68 -7.24
C SER A 124 25.50 -2.12 -6.20
N LEU A 125 25.90 -0.87 -6.39
CA LEU A 125 26.94 -0.26 -5.59
C LEU A 125 26.82 1.25 -5.71
N GLY A 126 27.41 1.99 -4.77
CA GLY A 126 27.32 3.43 -4.81
C GLY A 126 28.27 4.17 -3.90
N GLY A 127 28.40 5.47 -4.15
CA GLY A 127 29.25 6.33 -3.34
C GLY A 127 28.62 7.69 -3.14
N ALA A 128 29.15 8.43 -2.18
CA ALA A 128 28.64 9.77 -1.90
C ALA A 128 29.04 10.70 -3.02
N SER A 129 30.32 10.69 -3.37
CA SER A 129 30.81 11.53 -4.45
C SER A 129 30.63 10.81 -5.77
N GLY A 130 30.73 11.55 -6.86
CA GLY A 130 30.84 10.94 -8.16
C GLY A 130 32.29 11.04 -8.56
N SER A 131 32.54 11.12 -9.85
CA SER A 131 33.86 11.42 -10.38
C SER A 131 33.64 11.69 -11.86
N THR A 132 34.37 12.67 -12.40
CA THR A 132 34.16 13.05 -13.79
C THR A 132 34.41 11.88 -14.73
N ALA A 133 35.41 11.06 -14.42
CA ALA A 133 35.70 9.88 -15.23
C ALA A 133 34.53 8.91 -15.21
N MET A 134 33.87 8.81 -14.05
CA MET A 134 32.73 7.91 -13.91
C MET A 134 31.50 8.44 -14.66
N LYS A 135 31.25 9.73 -14.53
CA LYS A 135 30.17 10.39 -15.26
C LYS A 135 30.41 10.25 -16.75
N GLN A 136 31.67 10.32 -17.12
CA GLN A 136 32.08 10.25 -18.51
C GLN A 136 31.91 8.83 -19.03
N ALA A 137 32.20 7.86 -18.17
CA ALA A 137 32.12 6.44 -18.53
C ALA A 137 30.67 5.98 -18.73
N VAL A 138 29.80 6.32 -17.78
CA VAL A 138 28.40 5.94 -17.90
C VAL A 138 27.70 6.66 -19.06
N ASP A 139 27.98 7.95 -19.21
CA ASP A 139 27.44 8.71 -20.33
C ASP A 139 27.79 8.04 -21.65
N ASN A 140 29.06 7.66 -21.80
CA ASN A 140 29.53 7.04 -23.03
C ASN A 140 28.98 5.63 -23.25
N ALA A 141 28.80 4.88 -22.17
CA ALA A 141 28.20 3.55 -22.25
C ALA A 141 26.77 3.67 -22.76
N TYR A 142 26.01 4.56 -22.13
CA TYR A 142 24.61 4.78 -22.48
C TYR A 142 24.49 5.30 -23.91
N ALA A 143 25.37 6.23 -24.28
CA ALA A 143 25.35 6.80 -25.62
C ALA A 143 25.67 5.77 -26.69
N ARG A 144 26.40 4.71 -26.30
CA ARG A 144 26.77 3.64 -27.22
C ARG A 144 25.71 2.53 -27.25
N GLY A 145 24.71 2.64 -26.38
CA GLY A 145 23.61 1.69 -26.40
C GLY A 145 23.65 0.65 -25.29
N VAL A 146 24.18 1.04 -24.14
CA VAL A 146 24.15 0.19 -22.98
C VAL A 146 23.10 0.70 -22.03
N VAL A 147 22.15 -0.16 -21.67
CA VAL A 147 21.22 0.16 -20.60
C VAL A 147 22.02 0.06 -19.31
N VAL A 148 22.15 1.18 -18.62
CA VAL A 148 22.91 1.22 -17.39
C VAL A 148 21.95 1.29 -16.20
N VAL A 149 22.06 0.31 -15.30
CA VAL A 149 21.19 0.21 -14.14
C VAL A 149 22.03 0.26 -12.87
N ALA A 150 21.52 0.96 -11.84
CA ALA A 150 22.22 1.01 -10.56
C ALA A 150 21.26 1.09 -9.37
N ALA A 151 21.71 0.59 -8.23
CA ALA A 151 20.92 0.67 -7.00
C ALA A 151 20.86 2.12 -6.50
N ALA A 152 19.65 2.63 -6.33
CA ALA A 152 19.45 4.02 -5.94
C ALA A 152 20.17 4.36 -4.63
N GLY A 153 20.60 3.32 -3.93
CA GLY A 153 21.28 3.52 -2.67
C GLY A 153 20.31 3.33 -1.52
N ASN A 154 20.85 2.94 -0.36
CA ASN A 154 20.02 2.66 0.79
C ASN A 154 20.10 3.78 1.84
N SER A 155 20.83 4.83 1.49
CA SER A 155 21.02 5.96 2.40
C SER A 155 19.69 6.57 2.83
N GLY A 156 18.69 6.48 1.95
CA GLY A 156 17.36 6.98 2.25
C GLY A 156 17.23 8.48 2.05
N ASN A 162 16.95 13.89 -0.06
CA ASN A 162 17.63 13.49 -1.28
C ASN A 162 19.04 12.94 -1.00
N THR A 163 19.12 11.66 -0.66
CA THR A 163 20.41 11.03 -0.40
C THR A 163 20.74 9.91 -1.40
N ILE A 164 20.26 10.08 -2.62
CA ILE A 164 20.63 9.20 -3.73
C ILE A 164 22.10 9.42 -4.06
N GLY A 165 22.82 8.34 -4.34
CA GLY A 165 24.24 8.44 -4.63
C GLY A 165 24.61 8.18 -6.08
N TYR A 166 25.89 8.00 -6.33
CA TYR A 166 26.39 7.73 -7.67
C TYR A 166 26.80 6.28 -7.78
N PRO A 167 26.70 5.69 -8.98
CA PRO A 167 26.36 6.34 -10.25
C PRO A 167 24.87 6.40 -10.54
N ALA A 168 24.03 6.06 -9.57
CA ALA A 168 22.59 6.10 -9.78
C ALA A 168 22.11 7.53 -10.08
N LYS A 169 22.74 8.50 -9.42
CA LYS A 169 22.35 9.89 -9.55
C LYS A 169 22.62 10.50 -10.93
N TYR A 170 23.45 9.84 -11.74
CA TYR A 170 23.68 10.31 -13.11
C TYR A 170 22.45 10.04 -13.93
N ASP A 171 22.13 10.95 -14.85
CA ASP A 171 20.90 10.80 -15.62
C ASP A 171 21.02 9.84 -16.79
N SER A 172 22.23 9.38 -17.09
CA SER A 172 22.40 8.32 -18.08
C SER A 172 22.27 6.95 -17.41
N VAL A 173 21.98 6.97 -16.11
CA VAL A 173 21.86 5.75 -15.33
C VAL A 173 20.47 5.62 -14.71
N ILE A 174 19.90 4.43 -14.81
CA ILE A 174 18.60 4.16 -14.22
C ILE A 174 18.72 3.92 -12.72
N ALA A 175 18.14 4.82 -11.94
CA ALA A 175 18.20 4.73 -10.49
C ALA A 175 17.05 3.87 -9.96
N VAL A 176 17.40 2.77 -9.29
CA VAL A 176 16.42 1.78 -8.86
C VAL A 176 16.24 1.72 -7.34
N GLY A 177 15.01 1.89 -6.88
CA GLY A 177 14.69 1.75 -5.46
C GLY A 177 14.07 0.40 -5.16
N ALA A 178 13.76 0.17 -3.89
CA ALA A 178 13.30 -1.14 -3.44
C ALA A 178 11.90 -1.16 -2.85
N VAL A 179 11.14 -2.19 -3.20
CA VAL A 179 9.86 -2.48 -2.58
C VAL A 179 9.90 -3.89 -2.00
N ASP A 180 8.94 -4.22 -1.14
CA ASP A 180 8.85 -5.58 -0.60
C ASP A 180 7.76 -6.36 -1.31
N SER A 181 7.47 -7.56 -0.82
CA SER A 181 6.48 -8.43 -1.47
C SER A 181 5.07 -7.87 -1.39
N ASN A 182 4.89 -6.81 -0.60
CA ASN A 182 3.59 -6.14 -0.51
C ASN A 182 3.53 -4.92 -1.40
N SER A 183 4.59 -4.71 -2.19
CA SER A 183 4.66 -3.58 -3.11
C SER A 183 4.90 -2.27 -2.38
N ASN A 184 5.23 -2.37 -1.10
CA ASN A 184 5.53 -1.18 -0.29
C ASN A 184 7.01 -0.78 -0.36
N ARG A 185 7.25 0.52 -0.38
CA ARG A 185 8.61 1.05 -0.32
C ARG A 185 9.30 0.51 0.93
N ALA A 186 10.57 0.14 0.80
CA ALA A 186 11.35 -0.30 1.95
C ALA A 186 11.99 0.90 2.63
N SER A 187 11.97 0.90 3.96
CA SER A 187 12.51 2.01 4.74
C SER A 187 13.89 2.44 4.25
N PHE A 188 14.71 1.47 3.88
CA PHE A 188 16.10 1.75 3.51
C PHE A 188 16.27 2.32 2.10
N SER A 189 15.20 2.33 1.32
CA SER A 189 15.29 2.79 -0.07
C SER A 189 15.47 4.30 -0.14
N SER A 190 16.44 4.74 -0.93
CA SER A 190 16.72 6.17 -1.09
C SER A 190 15.56 6.89 -1.77
N VAL A 191 15.53 8.21 -1.61
CA VAL A 191 14.48 9.04 -2.17
C VAL A 191 15.09 10.27 -2.83
N GLY A 192 14.34 10.90 -3.73
CA GLY A 192 14.81 12.09 -4.39
C GLY A 192 14.36 12.23 -5.83
N ALA A 193 14.84 13.28 -6.48
CA ALA A 193 14.41 13.62 -7.83
C ALA A 193 14.87 12.64 -8.90
N GLU A 194 15.97 11.94 -8.65
CA GLU A 194 16.57 11.04 -9.64
C GLU A 194 16.04 9.60 -9.61
N LEU A 195 15.29 9.26 -8.57
CA LEU A 195 14.71 7.92 -8.43
C LEU A 195 13.82 7.60 -9.64
N GLU A 196 14.18 6.55 -10.37
CA GLU A 196 13.50 6.24 -11.63
C GLU A 196 12.40 5.18 -11.50
N VAL A 197 12.76 3.99 -11.03
CA VAL A 197 11.79 2.92 -10.83
C VAL A 197 12.06 2.14 -9.56
N MET A 198 11.09 1.33 -9.17
CA MET A 198 11.27 0.46 -8.03
C MET A 198 11.30 -0.98 -8.52
N ALA A 199 11.93 -1.85 -7.73
CA ALA A 199 11.93 -3.28 -7.97
C ALA A 199 12.05 -3.96 -6.62
N PRO A 200 11.80 -5.28 -6.55
CA PRO A 200 11.94 -5.97 -5.26
C PRO A 200 13.37 -5.92 -4.72
N GLY A 201 13.50 -5.49 -3.47
CA GLY A 201 14.80 -5.39 -2.82
C GLY A 201 14.80 -5.87 -1.38
N ALA A 202 13.63 -6.18 -0.86
CA ALA A 202 13.49 -6.67 0.50
C ALA A 202 13.22 -8.17 0.52
N GLY A 203 13.99 -8.91 1.32
CA GLY A 203 13.79 -10.34 1.47
C GLY A 203 13.98 -11.11 0.18
N VAL A 204 15.00 -10.73 -0.58
CA VAL A 204 15.26 -11.36 -1.87
C VAL A 204 16.16 -12.58 -1.72
N TYR A 205 15.69 -13.69 -2.25
CA TYR A 205 16.34 -14.98 -2.09
C TYR A 205 17.05 -15.36 -3.38
N SER A 206 18.32 -15.70 -3.28
CA SER A 206 19.11 -15.91 -4.48
C SER A 206 20.33 -16.79 -4.24
N THR A 207 21.05 -17.07 -5.32
CA THR A 207 22.28 -17.84 -5.22
C THR A 207 23.26 -17.11 -4.31
N TYR A 208 24.02 -17.88 -3.54
CA TYR A 208 25.03 -17.33 -2.64
C TYR A 208 26.27 -18.23 -2.67
N PRO A 209 27.46 -17.61 -2.66
CA PRO A 209 28.73 -18.35 -2.85
C PRO A 209 28.89 -19.60 -2.00
N THR A 210 29.31 -20.64 -2.71
CA THR A 210 29.59 -21.96 -2.19
C THR A 210 28.38 -22.86 -2.40
N ASN A 211 27.89 -22.82 -3.62
CA ASN A 211 26.82 -23.71 -4.04
C ASN A 211 25.66 -23.67 -3.06
N THR A 212 25.30 -22.49 -2.61
CA THR A 212 24.19 -22.37 -1.69
C THR A 212 23.35 -21.15 -2.06
N TYR A 213 22.49 -20.73 -1.15
CA TYR A 213 21.53 -19.67 -1.42
C TYR A 213 21.34 -18.84 -0.17
N ALA A 214 20.81 -17.64 -0.33
CA ALA A 214 20.65 -16.73 0.80
C ALA A 214 19.64 -15.64 0.52
N THR A 215 19.18 -15.00 1.59
CA THR A 215 18.20 -13.93 1.50
C THR A 215 18.85 -12.62 1.92
N LEU A 216 18.87 -11.65 1.02
CA LEU A 216 19.51 -10.36 1.30
C LEU A 216 18.51 -9.23 1.20
N ASN A 217 18.84 -8.10 1.82
CA ASN A 217 18.04 -6.88 1.69
C ASN A 217 18.89 -5.75 1.12
N GLY A 218 18.31 -4.96 0.22
CA GLY A 218 18.97 -3.76 -0.28
C GLY A 218 18.48 -3.35 -1.66
N THR A 219 18.74 -2.10 -2.04
CA THR A 219 18.47 -1.68 -3.41
C THR A 219 19.44 -2.41 -4.33
N SER A 220 20.42 -3.07 -3.73
CA SER A 220 21.34 -3.95 -4.45
C SER A 220 20.62 -5.17 -4.99
N MET A 221 19.55 -5.56 -4.31
CA MET A 221 18.72 -6.68 -4.74
C MET A 221 17.73 -6.23 -5.81
N ALA A 222 17.36 -4.95 -5.76
CA ALA A 222 16.34 -4.41 -6.66
C ALA A 222 16.92 -4.12 -8.04
N SER A 223 18.09 -3.51 -8.07
CA SER A 223 18.76 -3.16 -9.32
C SER A 223 18.74 -4.29 -10.38
N PRO A 224 19.22 -5.49 -10.02
CA PRO A 224 19.33 -6.60 -10.98
C PRO A 224 17.99 -7.05 -11.56
N HIS A 225 16.89 -6.78 -10.85
CA HIS A 225 15.57 -7.06 -11.38
C HIS A 225 15.34 -6.22 -12.64
N VAL A 226 15.72 -4.95 -12.56
CA VAL A 226 15.62 -4.03 -13.68
C VAL A 226 16.59 -4.41 -14.81
N ALA A 227 17.84 -4.70 -14.44
CA ALA A 227 18.82 -5.17 -15.40
C ALA A 227 18.29 -6.39 -16.14
N GLY A 228 17.73 -7.33 -15.38
CA GLY A 228 17.12 -8.52 -15.95
C GLY A 228 15.90 -8.19 -16.80
N ALA A 229 15.10 -7.24 -16.32
CA ALA A 229 13.94 -6.78 -17.07
C ALA A 229 14.34 -6.25 -18.45
N ALA A 230 15.52 -5.65 -18.55
CA ALA A 230 15.99 -5.10 -19.82
C ALA A 230 16.47 -6.21 -20.77
N ALA A 231 17.05 -7.25 -20.20
CA ALA A 231 17.46 -8.40 -21.00
C ALA A 231 16.23 -9.08 -21.63
N LEU A 232 15.17 -9.22 -20.83
CA LEU A 232 13.94 -9.83 -21.32
C LEU A 232 13.37 -9.04 -22.48
N ILE A 233 13.24 -7.73 -22.29
CA ILE A 233 12.74 -6.83 -23.33
C ILE A 233 13.55 -6.95 -24.62
N LEU A 234 14.88 -7.01 -24.50
CA LEU A 234 15.76 -7.06 -25.66
C LEU A 234 15.79 -8.43 -26.35
N SER A 235 15.52 -9.50 -25.62
CA SER A 235 15.45 -10.80 -26.28
C SER A 235 14.18 -10.86 -27.13
N LYS A 236 13.19 -10.04 -26.76
CA LYS A 236 11.94 -9.95 -27.51
C LYS A 236 12.01 -8.89 -28.62
N HIS A 237 12.57 -7.73 -28.30
CA HIS A 237 12.76 -6.66 -29.26
C HIS A 237 14.24 -6.29 -29.37
N PRO A 238 15.03 -7.15 -30.02
CA PRO A 238 16.49 -7.13 -30.10
C PRO A 238 17.05 -5.85 -30.70
N ASN A 239 16.14 -5.05 -31.23
CA ASN A 239 16.50 -3.97 -32.11
C ASN A 239 16.38 -2.60 -31.41
N LEU A 240 15.75 -2.59 -30.24
CA LEU A 240 15.52 -1.35 -29.52
C LEU A 240 16.81 -0.67 -29.10
N SER A 241 16.73 0.65 -28.93
CA SER A 241 17.86 1.44 -28.46
C SER A 241 17.87 1.46 -26.93
N ALA A 242 18.95 1.96 -26.35
CA ALA A 242 19.08 1.99 -24.90
C ALA A 242 17.99 2.86 -24.27
N SER A 243 17.76 4.02 -24.88
CA SER A 243 16.73 4.93 -24.40
C SER A 243 15.33 4.36 -24.61
N GLN A 244 15.13 3.60 -25.69
CA GLN A 244 13.83 2.96 -25.91
C GLN A 244 13.50 1.94 -24.80
N VAL A 245 14.42 1.02 -24.56
CA VAL A 245 14.25 0.06 -23.48
C VAL A 245 13.98 0.77 -22.16
N ARG A 246 14.84 1.72 -21.83
CA ARG A 246 14.71 2.47 -20.58
C ARG A 246 13.34 3.13 -20.43
N ASN A 247 12.92 3.88 -21.45
CA ASN A 247 11.64 4.55 -21.38
C ASN A 247 10.50 3.55 -21.29
N ARG A 248 10.68 2.41 -21.95
CA ARG A 248 9.68 1.37 -21.96
C ARG A 248 9.52 0.72 -20.58
N LEU A 249 10.57 0.80 -19.75
CA LEU A 249 10.51 0.25 -18.40
C LEU A 249 9.79 1.18 -17.43
N SER A 250 9.97 2.49 -17.60
CA SER A 250 9.42 3.44 -16.66
C SER A 250 8.02 3.93 -17.05
N SER A 251 7.77 4.05 -18.35
CA SER A 251 6.48 4.53 -18.84
C SER A 251 5.37 3.50 -18.63
N THR A 252 5.73 2.25 -18.39
CA THR A 252 4.75 1.21 -18.09
C THR A 252 4.83 0.73 -16.64
N ALA A 253 5.49 1.50 -15.79
CA ALA A 253 5.56 1.14 -14.38
C ALA A 253 4.18 1.25 -13.70
N THR A 254 3.92 0.36 -12.77
CA THR A 254 2.71 0.44 -11.95
C THR A 254 2.84 1.59 -10.94
N TYR A 255 1.89 2.52 -10.99
CA TYR A 255 1.96 3.69 -10.11
C TYR A 255 1.93 3.28 -8.64
N LEU A 256 2.79 3.90 -7.84
CA LEU A 256 2.85 3.57 -6.42
C LEU A 256 2.63 4.76 -5.51
N GLY A 257 2.75 5.96 -6.07
CA GLY A 257 2.67 7.17 -5.27
C GLY A 257 3.70 8.19 -5.70
N SER A 258 3.97 9.15 -4.82
CA SER A 258 4.88 10.25 -5.10
C SER A 258 6.19 9.75 -5.70
N SER A 259 6.64 10.42 -6.77
CA SER A 259 7.85 10.02 -7.46
C SER A 259 9.10 10.27 -6.63
N PHE A 260 8.95 11.07 -5.58
CA PHE A 260 10.06 11.33 -4.67
C PHE A 260 10.39 10.07 -3.90
N TYR A 261 9.38 9.20 -3.74
CA TYR A 261 9.52 7.98 -2.97
C TYR A 261 9.45 6.71 -3.82
N TYR A 262 8.88 6.82 -5.01
CA TYR A 262 8.64 5.65 -5.83
C TYR A 262 9.08 5.82 -7.27
N GLY A 263 9.49 7.03 -7.63
CA GLY A 263 9.75 7.33 -9.02
C GLY A 263 8.51 6.96 -9.83
N LYS A 264 8.71 6.34 -10.98
CA LYS A 264 7.57 5.91 -11.80
C LYS A 264 6.79 4.77 -11.15
N GLY A 265 7.41 4.10 -10.19
CA GLY A 265 6.76 3.00 -9.51
C GLY A 265 7.30 1.64 -9.91
N LEU A 266 6.65 0.59 -9.42
CA LEU A 266 7.10 -0.78 -9.63
C LEU A 266 7.15 -1.17 -11.10
N ILE A 267 8.31 -1.65 -11.55
CA ILE A 267 8.42 -2.09 -12.94
C ILE A 267 7.45 -3.22 -13.22
N ASN A 268 7.07 -3.35 -14.49
CA ASN A 268 6.16 -4.38 -14.95
C ASN A 268 6.62 -4.82 -16.32
N VAL A 269 7.40 -5.91 -16.37
CA VAL A 269 8.06 -6.30 -17.62
C VAL A 269 7.07 -6.73 -18.69
N GLU A 270 6.01 -7.40 -18.29
CA GLU A 270 4.98 -7.83 -19.23
C GLU A 270 4.45 -6.64 -19.98
N ALA A 271 4.11 -5.58 -19.26
CA ALA A 271 3.70 -4.35 -19.88
C ALA A 271 4.86 -3.74 -20.68
N ALA A 272 6.02 -3.68 -20.07
CA ALA A 272 7.18 -3.05 -20.69
C ALA A 272 7.57 -3.75 -21.99
N ALA A 273 7.18 -5.01 -22.13
CA ALA A 273 7.62 -5.83 -23.25
C ALA A 273 6.54 -6.03 -24.28
N GLN A 274 5.40 -5.36 -24.09
CA GLN A 274 4.29 -5.50 -25.03
C GLN A 274 4.64 -4.89 -26.38
N ALA B 1 -12.55 -20.12 -31.71
CA ALA B 1 -12.24 -20.79 -30.46
C ALA B 1 -12.81 -20.01 -29.27
N GLN B 2 -13.22 -18.77 -29.51
CA GLN B 2 -13.86 -18.02 -28.43
C GLN B 2 -15.37 -18.16 -28.53
N THR B 3 -15.99 -18.43 -27.39
CA THR B 3 -17.43 -18.57 -27.29
C THR B 3 -17.96 -17.38 -26.54
N VAL B 4 -19.07 -16.82 -27.01
CA VAL B 4 -19.74 -15.76 -26.28
C VAL B 4 -20.85 -16.36 -25.42
N PRO B 5 -20.67 -16.33 -24.09
CA PRO B 5 -21.77 -16.82 -23.26
C PRO B 5 -23.02 -16.01 -23.57
N TYR B 6 -24.19 -16.61 -23.42
CA TYR B 6 -25.44 -15.96 -23.78
C TYR B 6 -25.68 -14.68 -22.99
N GLY B 7 -25.10 -14.62 -21.79
CA GLY B 7 -25.35 -13.50 -20.90
C GLY B 7 -24.91 -12.16 -21.47
N ILE B 8 -23.85 -12.18 -22.27
CA ILE B 8 -23.28 -10.96 -22.83
C ILE B 8 -24.24 -10.20 -23.77
N PRO B 9 -24.78 -10.89 -24.79
CA PRO B 9 -25.74 -10.19 -25.64
C PRO B 9 -27.08 -9.93 -24.93
N LEU B 10 -27.42 -10.75 -23.94
CA LEU B 10 -28.69 -10.58 -23.24
C LEU B 10 -28.79 -9.22 -22.52
N ILE B 11 -27.68 -8.77 -21.93
CA ILE B 11 -27.65 -7.46 -21.32
C ILE B 11 -27.19 -6.42 -22.34
N LYS B 12 -26.99 -6.88 -23.57
CA LYS B 12 -26.62 -6.02 -24.70
C LYS B 12 -25.21 -5.44 -24.54
N ALA B 13 -24.39 -6.08 -23.72
CA ALA B 13 -23.01 -5.67 -23.54
C ALA B 13 -22.25 -5.80 -24.86
N ASP B 14 -22.75 -6.68 -25.73
CA ASP B 14 -22.10 -6.89 -27.02
C ASP B 14 -22.27 -5.66 -27.92
N LYS B 15 -23.36 -4.93 -27.71
CA LYS B 15 -23.61 -3.69 -28.43
C LYS B 15 -22.62 -2.61 -28.03
N VAL B 16 -22.52 -2.38 -26.73
CA VAL B 16 -21.63 -1.36 -26.19
C VAL B 16 -20.15 -1.66 -26.48
N GLN B 17 -19.80 -2.93 -26.56
CA GLN B 17 -18.43 -3.31 -26.92
C GLN B 17 -18.17 -2.92 -28.36
N ALA B 18 -19.17 -3.12 -29.21
CA ALA B 18 -19.07 -2.79 -30.61
C ALA B 18 -18.92 -1.28 -30.81
N GLN B 19 -19.34 -0.50 -29.81
CA GLN B 19 -19.17 0.95 -29.87
C GLN B 19 -17.73 1.35 -29.63
N GLY B 20 -16.96 0.44 -29.03
CA GLY B 20 -15.55 0.69 -28.77
C GLY B 20 -15.26 0.97 -27.30
N PHE B 21 -16.16 0.54 -26.43
CA PHE B 21 -15.97 0.70 -24.99
C PHE B 21 -15.98 -0.67 -24.33
N LYS B 22 -14.88 -1.01 -23.68
CA LYS B 22 -14.70 -2.33 -23.10
C LYS B 22 -14.24 -2.28 -21.64
N GLY B 23 -14.33 -1.11 -21.04
CA GLY B 23 -13.92 -0.93 -19.67
C GLY B 23 -12.43 -0.67 -19.52
N ALA B 24 -11.76 -0.38 -20.62
CA ALA B 24 -10.35 -0.02 -20.58
C ALA B 24 -10.09 1.06 -19.52
N ASN B 25 -9.08 0.84 -18.69
CA ASN B 25 -8.70 1.80 -17.64
C ASN B 25 -9.66 1.87 -16.45
N VAL B 26 -10.70 1.05 -16.46
CA VAL B 26 -11.55 0.92 -15.30
C VAL B 26 -11.01 -0.19 -14.41
N LYS B 27 -10.93 0.07 -13.12
CA LYS B 27 -10.41 -0.90 -12.17
C LYS B 27 -11.54 -1.64 -11.45
N VAL B 28 -11.48 -2.97 -11.50
CA VAL B 28 -12.51 -3.81 -10.90
C VAL B 28 -11.92 -4.83 -9.95
N ALA B 29 -12.35 -4.80 -8.69
CA ALA B 29 -11.91 -5.78 -7.71
C ALA B 29 -12.94 -6.90 -7.58
N VAL B 30 -12.50 -8.15 -7.75
CA VAL B 30 -13.37 -9.29 -7.49
C VAL B 30 -13.09 -9.84 -6.10
N LEU B 31 -13.97 -9.52 -5.15
CA LEU B 31 -13.82 -10.05 -3.79
C LEU B 31 -14.40 -11.46 -3.67
N ASP B 32 -13.54 -12.46 -3.79
CA ASP B 32 -13.98 -13.83 -3.85
C ASP B 32 -12.90 -14.81 -3.38
N THR B 33 -12.90 -16.02 -3.94
CA THR B 33 -11.97 -17.07 -3.55
C THR B 33 -10.63 -16.93 -4.27
N GLY B 34 -10.33 -15.71 -4.70
CA GLY B 34 -9.13 -15.46 -5.49
C GLY B 34 -9.41 -15.69 -6.96
N ILE B 35 -8.35 -15.69 -7.77
CA ILE B 35 -8.47 -15.91 -9.20
C ILE B 35 -7.25 -16.68 -9.71
N GLN B 36 -7.49 -17.60 -10.64
CA GLN B 36 -6.40 -18.30 -11.30
C GLN B 36 -5.74 -17.40 -12.33
N ALA B 37 -4.81 -16.56 -11.88
CA ALA B 37 -4.15 -15.59 -12.75
C ALA B 37 -3.54 -16.23 -14.00
N SER B 38 -2.87 -17.37 -13.81
CA SER B 38 -2.15 -18.02 -14.90
C SER B 38 -3.08 -18.54 -15.99
N HIS B 39 -4.39 -18.49 -15.74
CA HIS B 39 -5.37 -18.85 -16.74
C HIS B 39 -5.14 -18.02 -18.01
N PRO B 40 -5.23 -18.67 -19.17
CA PRO B 40 -5.04 -18.03 -20.47
C PRO B 40 -6.06 -16.93 -20.79
N ASP B 41 -7.33 -17.10 -20.44
CA ASP B 41 -8.34 -16.10 -20.80
C ASP B 41 -8.60 -15.09 -19.69
N LEU B 42 -7.61 -14.88 -18.82
CA LEU B 42 -7.73 -13.88 -17.76
C LEU B 42 -6.43 -13.13 -17.51
N ASN B 43 -6.55 -11.84 -17.23
CA ASN B 43 -5.40 -11.01 -16.90
C ASN B 43 -5.55 -10.32 -15.54
N VAL B 44 -5.03 -10.95 -14.51
CA VAL B 44 -5.10 -10.40 -13.16
C VAL B 44 -3.97 -9.39 -12.95
N VAL B 45 -4.33 -8.12 -12.88
CA VAL B 45 -3.36 -7.04 -12.77
C VAL B 45 -2.73 -6.94 -11.39
N GLY B 46 -3.51 -7.25 -10.36
CA GLY B 46 -3.02 -7.20 -9.00
C GLY B 46 -4.07 -7.63 -8.00
N GLY B 47 -3.90 -7.20 -6.75
CA GLY B 47 -4.87 -7.51 -5.70
C GLY B 47 -4.20 -7.76 -4.36
N ALA B 48 -4.92 -8.38 -3.45
CA ALA B 48 -4.40 -8.70 -2.13
C ALA B 48 -5.06 -9.94 -1.54
N SER B 49 -4.42 -10.57 -0.57
CA SER B 49 -5.00 -11.72 0.10
C SER B 49 -5.26 -11.45 1.57
N PHE B 50 -6.46 -11.78 2.03
CA PHE B 50 -6.80 -11.67 3.44
C PHE B 50 -7.21 -13.04 3.95
N VAL B 51 -6.66 -14.05 3.29
CA VAL B 51 -6.79 -15.44 3.70
C VAL B 51 -5.39 -15.95 3.97
N ALA B 52 -5.11 -16.28 5.23
CA ALA B 52 -3.77 -16.70 5.61
C ALA B 52 -3.33 -17.94 4.84
N GLY B 53 -2.05 -17.97 4.44
CA GLY B 53 -1.48 -19.10 3.76
C GLY B 53 -1.85 -19.20 2.29
N GLU B 54 -2.76 -18.35 1.83
CA GLU B 54 -3.13 -18.33 0.43
C GLU B 54 -2.72 -17.02 -0.23
N ALA B 55 -2.11 -17.13 -1.41
CA ALA B 55 -1.80 -15.94 -2.20
C ALA B 55 -3.06 -15.49 -2.94
N TYR B 56 -3.09 -14.23 -3.35
CA TYR B 56 -4.29 -13.69 -4.00
C TYR B 56 -4.51 -14.23 -5.42
N ASN B 57 -3.43 -14.62 -6.08
CA ASN B 57 -3.50 -15.01 -7.49
C ASN B 57 -3.58 -16.51 -7.75
N THR B 58 -4.06 -17.26 -6.76
CA THR B 58 -4.42 -18.65 -6.97
C THR B 58 -5.88 -18.81 -6.61
N ASP B 59 -6.47 -19.93 -7.00
CA ASP B 59 -7.86 -20.18 -6.67
C ASP B 59 -8.09 -21.68 -6.53
N GLY B 60 -8.10 -22.15 -5.28
CA GLY B 60 -8.31 -23.55 -5.00
C GLY B 60 -9.78 -23.95 -5.00
N ASN B 61 -10.65 -22.96 -5.23
CA ASN B 61 -12.09 -23.22 -5.24
C ASN B 61 -12.70 -23.29 -6.64
N GLY B 62 -12.51 -22.22 -7.41
CA GLY B 62 -13.10 -22.11 -8.73
C GLY B 62 -14.09 -20.97 -8.85
N HIS B 63 -14.80 -20.70 -7.75
CA HIS B 63 -15.85 -19.69 -7.70
C HIS B 63 -15.38 -18.35 -8.24
N GLY B 64 -14.39 -17.76 -7.58
CA GLY B 64 -13.89 -16.45 -7.96
C GLY B 64 -13.37 -16.36 -9.39
N THR B 65 -12.64 -17.38 -9.83
CA THR B 65 -12.16 -17.43 -11.21
C THR B 65 -13.34 -17.34 -12.18
N HIS B 66 -14.41 -18.05 -11.86
CA HIS B 66 -15.61 -18.05 -12.68
C HIS B 66 -16.22 -16.65 -12.76
N VAL B 67 -16.34 -16.01 -11.59
CA VAL B 67 -16.87 -14.66 -11.49
C VAL B 67 -15.99 -13.66 -12.26
N ALA B 68 -14.68 -13.84 -12.18
CA ALA B 68 -13.73 -12.98 -12.89
C ALA B 68 -13.92 -13.04 -14.40
N GLY B 69 -14.06 -14.26 -14.92
CA GLY B 69 -14.22 -14.48 -16.34
C GLY B 69 -15.48 -13.84 -16.89
N THR B 70 -16.52 -13.79 -16.06
CA THR B 70 -17.76 -13.15 -16.49
C THR B 70 -17.59 -11.64 -16.60
N VAL B 71 -16.83 -11.05 -15.67
CA VAL B 71 -16.54 -9.63 -15.73
C VAL B 71 -15.54 -9.29 -16.83
N ALA B 72 -14.50 -10.10 -16.99
CA ALA B 72 -13.36 -9.68 -17.79
C ALA B 72 -12.60 -10.77 -18.55
N ALA B 73 -13.29 -11.85 -18.94
CA ALA B 73 -12.63 -12.88 -19.75
C ALA B 73 -12.10 -12.20 -21.01
N LEU B 74 -10.85 -12.48 -21.34
CA LEU B 74 -10.15 -11.76 -22.39
C LEU B 74 -10.79 -11.93 -23.76
N ASP B 75 -11.06 -10.80 -24.40
CA ASP B 75 -11.54 -10.78 -25.77
C ASP B 75 -10.39 -11.15 -26.69
N ASN B 76 -10.38 -12.40 -27.11
CA ASN B 76 -9.30 -12.86 -27.95
C ASN B 76 -9.68 -14.06 -28.79
N THR B 77 -8.75 -15.00 -28.86
CA THR B 77 -8.82 -16.08 -29.82
C THR B 77 -9.26 -17.37 -29.16
N THR B 78 -9.64 -17.28 -27.89
CA THR B 78 -9.93 -18.49 -27.13
C THR B 78 -10.93 -18.29 -25.98
N GLY B 79 -11.37 -19.42 -25.43
CA GLY B 79 -12.22 -19.44 -24.26
C GLY B 79 -13.50 -18.65 -24.40
N VAL B 80 -13.81 -17.85 -23.39
CA VAL B 80 -15.04 -17.09 -23.38
C VAL B 80 -14.76 -15.60 -23.55
N LEU B 81 -15.80 -14.79 -23.34
CA LEU B 81 -15.69 -13.34 -23.48
C LEU B 81 -16.39 -12.64 -22.33
N GLY B 82 -15.64 -11.87 -21.56
CA GLY B 82 -16.21 -11.10 -20.48
C GLY B 82 -17.13 -9.99 -20.94
N VAL B 83 -17.85 -9.40 -19.99
CA VAL B 83 -18.75 -8.29 -20.25
C VAL B 83 -17.95 -7.03 -20.55
N ALA B 84 -16.88 -6.82 -19.79
CA ALA B 84 -15.95 -5.73 -20.02
C ALA B 84 -14.53 -6.29 -20.09
N PRO B 85 -14.12 -6.76 -21.27
CA PRO B 85 -12.86 -7.50 -21.44
C PRO B 85 -11.58 -6.66 -21.39
N SER B 86 -11.66 -5.34 -21.25
CA SER B 86 -10.45 -4.53 -21.16
C SER B 86 -10.21 -3.99 -19.76
N VAL B 87 -11.12 -4.32 -18.86
CA VAL B 87 -11.03 -3.93 -17.47
C VAL B 87 -9.68 -4.28 -16.83
N SER B 88 -9.21 -3.43 -15.93
CA SER B 88 -8.11 -3.79 -15.04
C SER B 88 -8.65 -4.66 -13.91
N LEU B 89 -8.37 -5.95 -13.99
CA LEU B 89 -8.93 -6.92 -13.07
C LEU B 89 -8.04 -7.12 -11.85
N TYR B 90 -8.62 -6.99 -10.66
CA TYR B 90 -7.88 -7.25 -9.42
C TYR B 90 -8.49 -8.40 -8.61
N ALA B 91 -7.63 -9.29 -8.13
CA ALA B 91 -8.07 -10.40 -7.32
C ALA B 91 -7.85 -10.13 -5.84
N VAL B 92 -8.94 -9.80 -5.15
CA VAL B 92 -8.93 -9.64 -3.70
C VAL B 92 -9.52 -10.90 -3.06
N LYS B 93 -8.66 -11.71 -2.43
CA LYS B 93 -9.10 -12.98 -1.85
C LYS B 93 -9.55 -12.84 -0.41
N VAL B 94 -10.83 -13.09 -0.17
CA VAL B 94 -11.40 -12.94 1.16
C VAL B 94 -12.13 -14.22 1.59
N LEU B 95 -12.18 -15.18 0.68
CA LEU B 95 -12.72 -16.50 0.96
C LEU B 95 -11.65 -17.52 0.62
N ASN B 96 -11.57 -18.60 1.41
CA ASN B 96 -10.57 -19.64 1.16
C ASN B 96 -11.03 -20.69 0.14
N SER B 97 -10.25 -21.76 0.02
CA SER B 97 -10.51 -22.78 -0.99
C SER B 97 -11.85 -23.50 -0.77
N SER B 98 -12.29 -23.55 0.48
CA SER B 98 -13.56 -24.17 0.83
C SER B 98 -14.72 -23.28 0.43
N GLY B 99 -14.45 -21.99 0.26
CA GLY B 99 -15.49 -21.04 -0.09
C GLY B 99 -15.95 -20.22 1.10
N SER B 100 -15.27 -20.38 2.23
CA SER B 100 -15.69 -19.71 3.47
C SER B 100 -14.75 -18.59 3.88
N GLY B 101 -15.29 -17.62 4.62
CA GLY B 101 -14.52 -16.49 5.08
C GLY B 101 -15.19 -15.77 6.23
N SER B 102 -14.44 -14.93 6.93
CA SER B 102 -14.96 -14.22 8.09
C SER B 102 -15.48 -12.85 7.69
N TYR B 103 -16.16 -12.20 8.61
CA TYR B 103 -16.62 -10.84 8.38
C TYR B 103 -15.43 -9.89 8.25
N SER B 104 -14.40 -10.12 9.05
CA SER B 104 -13.26 -9.21 9.09
C SER B 104 -12.43 -9.26 7.80
N GLY B 105 -12.33 -10.44 7.19
CA GLY B 105 -11.58 -10.61 5.96
C GLY B 105 -12.24 -9.90 4.79
N ILE B 106 -13.55 -10.12 4.66
CA ILE B 106 -14.36 -9.45 3.66
C ILE B 106 -14.31 -7.93 3.83
N VAL B 107 -14.51 -7.45 5.05
CA VAL B 107 -14.34 -6.02 5.33
C VAL B 107 -12.95 -5.54 4.88
N SER B 108 -11.92 -6.30 5.24
CA SER B 108 -10.55 -5.98 4.85
C SER B 108 -10.41 -5.75 3.34
N GLY B 109 -10.99 -6.66 2.55
CA GLY B 109 -10.94 -6.58 1.10
C GLY B 109 -11.67 -5.37 0.56
N ILE B 110 -12.74 -4.98 1.24
CA ILE B 110 -13.53 -3.83 0.82
C ILE B 110 -12.78 -2.55 1.15
N GLU B 111 -12.06 -2.58 2.28
CA GLU B 111 -11.29 -1.42 2.69
C GLU B 111 -10.08 -1.25 1.78
N TRP B 112 -9.44 -2.37 1.43
CA TRP B 112 -8.29 -2.36 0.53
C TRP B 112 -8.68 -1.77 -0.81
N ALA B 113 -9.79 -2.28 -1.36
CA ALA B 113 -10.25 -1.86 -2.67
C ALA B 113 -10.62 -0.38 -2.68
N THR B 114 -11.06 0.11 -1.53
CA THR B 114 -11.33 1.53 -1.38
C THR B 114 -10.02 2.31 -1.42
N THR B 115 -9.12 1.96 -0.51
CA THR B 115 -7.83 2.63 -0.41
C THR B 115 -7.11 2.62 -1.75
N ASN B 116 -7.21 1.52 -2.47
CA ASN B 116 -6.42 1.30 -3.67
C ASN B 116 -7.06 1.76 -4.98
N GLY B 117 -8.14 2.53 -4.87
CA GLY B 117 -8.75 3.19 -6.02
C GLY B 117 -9.42 2.30 -7.04
N MET B 118 -10.06 1.23 -6.59
CA MET B 118 -10.87 0.40 -7.49
C MET B 118 -12.09 1.22 -7.89
N ASP B 119 -12.54 1.06 -9.14
CA ASP B 119 -13.72 1.77 -9.58
C ASP B 119 -14.97 0.97 -9.29
N VAL B 120 -14.82 -0.34 -9.18
CA VAL B 120 -15.96 -1.24 -9.02
C VAL B 120 -15.63 -2.44 -8.13
N ILE B 121 -16.56 -2.76 -7.23
CA ILE B 121 -16.43 -3.93 -6.38
C ILE B 121 -17.47 -4.99 -6.75
N ASN B 122 -17.02 -6.21 -7.00
CA ASN B 122 -17.95 -7.33 -7.10
C ASN B 122 -17.83 -8.24 -5.89
N MET B 123 -18.95 -8.45 -5.21
CA MET B 123 -19.03 -9.38 -4.08
C MET B 123 -20.09 -10.46 -4.33
N SER B 124 -19.68 -11.54 -4.98
CA SER B 124 -20.55 -12.69 -5.17
C SER B 124 -20.55 -13.56 -3.92
N LEU B 125 -21.01 -12.98 -2.81
CA LEU B 125 -20.94 -13.61 -1.51
C LEU B 125 -21.88 -12.90 -0.55
N GLY B 126 -22.24 -13.56 0.54
CA GLY B 126 -23.07 -12.95 1.56
C GLY B 126 -23.45 -13.86 2.72
N GLY B 127 -24.33 -13.36 3.58
CA GLY B 127 -24.78 -14.11 4.74
C GLY B 127 -26.04 -13.53 5.34
N ALA B 128 -26.61 -14.22 6.32
CA ALA B 128 -27.89 -13.83 6.91
C ALA B 128 -27.81 -12.45 7.55
N SER B 129 -26.68 -12.16 8.18
CA SER B 129 -26.44 -10.84 8.72
C SER B 129 -25.12 -10.31 8.20
N GLY B 130 -24.92 -9.01 8.36
CA GLY B 130 -23.65 -8.41 8.02
C GLY B 130 -22.96 -7.98 9.30
N SER B 131 -22.37 -6.80 9.28
CA SER B 131 -21.73 -6.25 10.46
C SER B 131 -21.63 -4.74 10.32
N THR B 132 -21.51 -4.05 11.44
CA THR B 132 -21.42 -2.60 11.42
C THR B 132 -20.21 -2.19 10.59
N ALA B 133 -19.15 -2.99 10.70
CA ALA B 133 -17.93 -2.71 9.95
C ALA B 133 -18.18 -2.88 8.45
N MET B 134 -18.79 -4.01 8.08
CA MET B 134 -19.04 -4.28 6.68
C MET B 134 -19.87 -3.17 6.07
N LYS B 135 -20.82 -2.65 6.84
CA LYS B 135 -21.67 -1.57 6.39
C LYS B 135 -20.86 -0.29 6.18
N GLN B 136 -20.09 0.10 7.19
CA GLN B 136 -19.26 1.28 7.11
C GLN B 136 -18.31 1.22 5.92
N ALA B 137 -17.85 0.02 5.60
CA ALA B 137 -16.95 -0.19 4.47
C ALA B 137 -17.63 0.11 3.13
N VAL B 138 -18.82 -0.46 2.93
CA VAL B 138 -19.54 -0.28 1.67
C VAL B 138 -20.00 1.17 1.47
N ASP B 139 -20.51 1.78 2.54
CA ASP B 139 -20.92 3.18 2.49
C ASP B 139 -19.77 4.06 2.05
N ASN B 140 -18.63 3.91 2.72
CA ASN B 140 -17.44 4.68 2.40
C ASN B 140 -16.95 4.43 0.98
N ALA B 141 -16.95 3.16 0.58
CA ALA B 141 -16.56 2.79 -0.78
C ALA B 141 -17.47 3.45 -1.80
N TYR B 142 -18.78 3.37 -1.56
CA TYR B 142 -19.76 4.01 -2.44
C TYR B 142 -19.56 5.51 -2.49
N ALA B 143 -19.32 6.11 -1.33
CA ALA B 143 -19.13 7.56 -1.25
C ALA B 143 -17.85 8.02 -1.95
N ARG B 144 -16.99 7.06 -2.27
CA ARG B 144 -15.69 7.36 -2.84
C ARG B 144 -15.71 7.35 -4.36
N GLY B 145 -16.75 6.76 -4.93
CA GLY B 145 -16.87 6.67 -6.38
C GLY B 145 -16.85 5.24 -6.86
N VAL B 146 -16.96 4.31 -5.93
CA VAL B 146 -16.95 2.90 -6.27
C VAL B 146 -18.37 2.39 -6.43
N VAL B 147 -18.67 1.86 -7.61
CA VAL B 147 -19.89 1.08 -7.79
C VAL B 147 -19.71 -0.22 -7.02
N VAL B 148 -20.59 -0.45 -6.05
CA VAL B 148 -20.50 -1.66 -5.25
C VAL B 148 -21.63 -2.62 -5.57
N VAL B 149 -21.27 -3.78 -6.13
CA VAL B 149 -22.26 -4.76 -6.56
C VAL B 149 -22.12 -6.04 -5.75
N ALA B 150 -23.25 -6.65 -5.42
CA ALA B 150 -23.27 -7.90 -4.68
C ALA B 150 -24.39 -8.83 -5.16
N ALA B 151 -24.13 -10.13 -5.10
CA ALA B 151 -25.17 -11.12 -5.32
C ALA B 151 -26.21 -10.96 -4.21
N ALA B 152 -27.48 -11.10 -4.56
CA ALA B 152 -28.56 -10.87 -3.60
C ALA B 152 -28.76 -12.06 -2.65
N GLY B 153 -28.46 -13.26 -3.12
CA GLY B 153 -28.66 -14.46 -2.34
C GLY B 153 -29.36 -15.55 -3.13
N ASN B 154 -29.28 -16.78 -2.64
CA ASN B 154 -29.81 -17.91 -3.37
C ASN B 154 -30.85 -18.66 -2.54
N SER B 155 -31.54 -17.93 -1.68
CA SER B 155 -32.48 -18.52 -0.74
C SER B 155 -33.91 -18.53 -1.27
N GLY B 156 -34.08 -18.18 -2.55
CA GLY B 156 -35.37 -18.24 -3.20
C GLY B 156 -36.44 -17.33 -2.60
N SER B 157 -37.69 -17.75 -2.75
CA SER B 157 -38.81 -17.00 -2.17
C SER B 157 -39.78 -17.92 -1.43
N SER B 158 -40.48 -17.36 -0.46
CA SER B 158 -41.59 -18.05 0.19
C SER B 158 -42.53 -17.02 0.77
N GLY B 159 -43.67 -16.85 0.14
CA GLY B 159 -44.61 -15.82 0.52
C GLY B 159 -43.98 -14.45 0.71
N ASN B 160 -44.14 -13.92 1.91
CA ASN B 160 -43.88 -12.53 2.21
C ASN B 160 -42.45 -12.25 2.67
N THR B 161 -41.66 -13.30 2.84
CA THR B 161 -40.36 -13.18 3.48
C THR B 161 -39.23 -12.65 2.59
N ASN B 162 -38.44 -11.76 3.18
CA ASN B 162 -37.29 -11.15 2.53
C ASN B 162 -36.07 -12.06 2.65
N THR B 163 -35.44 -12.39 1.53
CA THR B 163 -34.32 -13.32 1.55
C THR B 163 -33.02 -12.74 1.00
N ILE B 164 -32.93 -11.41 0.95
CA ILE B 164 -31.71 -10.73 0.55
C ILE B 164 -30.72 -10.73 1.70
N GLY B 165 -29.51 -11.23 1.46
CA GLY B 165 -28.47 -11.21 2.47
C GLY B 165 -27.54 -10.01 2.38
N TYR B 166 -26.59 -9.93 3.29
CA TYR B 166 -25.60 -8.85 3.28
C TYR B 166 -24.33 -9.33 2.61
N PRO B 167 -23.61 -8.42 1.92
CA PRO B 167 -23.86 -6.97 1.88
C PRO B 167 -24.95 -6.47 0.90
N ALA B 168 -25.47 -7.35 0.04
CA ALA B 168 -26.48 -6.94 -0.95
C ALA B 168 -27.59 -6.06 -0.35
N LYS B 169 -28.03 -6.42 0.85
CA LYS B 169 -29.15 -5.74 1.48
C LYS B 169 -28.81 -4.30 1.85
N TYR B 170 -27.52 -3.99 1.97
CA TYR B 170 -27.10 -2.63 2.24
C TYR B 170 -27.45 -1.75 1.06
N ASP B 171 -27.89 -0.53 1.34
CA ASP B 171 -28.40 0.34 0.30
C ASP B 171 -27.31 1.03 -0.52
N SER B 172 -26.07 0.94 -0.07
CA SER B 172 -24.95 1.48 -0.84
C SER B 172 -24.41 0.41 -1.79
N VAL B 173 -25.01 -0.78 -1.71
CA VAL B 173 -24.65 -1.89 -2.57
C VAL B 173 -25.79 -2.19 -3.53
N ILE B 174 -25.47 -2.49 -4.78
CA ILE B 174 -26.46 -2.93 -5.76
C ILE B 174 -26.77 -4.42 -5.60
N ALA B 175 -27.96 -4.73 -5.08
CA ALA B 175 -28.37 -6.12 -4.88
C ALA B 175 -28.86 -6.76 -6.19
N VAL B 176 -28.18 -7.81 -6.64
CA VAL B 176 -28.40 -8.35 -7.97
C VAL B 176 -28.97 -9.77 -7.99
N GLY B 177 -30.19 -9.91 -8.53
CA GLY B 177 -30.85 -11.20 -8.66
C GLY B 177 -30.60 -11.84 -10.01
N ALA B 178 -31.09 -13.05 -10.22
CA ALA B 178 -30.73 -13.84 -11.40
C ALA B 178 -31.90 -14.27 -12.28
N VAL B 179 -31.66 -14.28 -13.58
CA VAL B 179 -32.62 -14.80 -14.56
C VAL B 179 -31.90 -15.77 -15.50
N ASP B 180 -32.67 -16.52 -16.28
CA ASP B 180 -32.10 -17.47 -17.24
C ASP B 180 -32.04 -16.87 -18.63
N SER B 181 -31.67 -17.69 -19.62
CA SER B 181 -31.58 -17.24 -20.99
C SER B 181 -32.94 -16.81 -21.55
N ASN B 182 -34.03 -17.22 -20.91
CA ASN B 182 -35.37 -16.80 -21.30
C ASN B 182 -35.83 -15.52 -20.60
N SER B 183 -34.93 -14.92 -19.82
CA SER B 183 -35.26 -13.74 -19.03
C SER B 183 -36.26 -14.04 -17.91
N ASN B 184 -36.49 -15.33 -17.66
CA ASN B 184 -37.30 -15.75 -16.54
C ASN B 184 -36.44 -15.81 -15.28
N ARG B 185 -37.03 -15.47 -14.13
CA ARG B 185 -36.33 -15.53 -12.86
C ARG B 185 -35.92 -16.96 -12.47
N ALA B 186 -34.75 -17.09 -11.86
CA ALA B 186 -34.27 -18.38 -11.37
C ALA B 186 -34.85 -18.69 -10.00
N SER B 187 -35.47 -19.87 -9.87
CA SER B 187 -36.19 -20.27 -8.66
C SER B 187 -35.42 -20.07 -7.35
N PHE B 188 -34.10 -19.97 -7.41
CA PHE B 188 -33.29 -19.79 -6.20
C PHE B 188 -33.04 -18.33 -5.87
N SER B 189 -33.24 -17.45 -6.84
CA SER B 189 -32.90 -16.04 -6.68
C SER B 189 -33.64 -15.40 -5.52
N SER B 190 -32.90 -14.80 -4.62
CA SER B 190 -33.50 -14.17 -3.45
C SER B 190 -34.44 -13.04 -3.84
N VAL B 191 -35.36 -12.75 -2.92
CA VAL B 191 -36.37 -11.73 -3.13
C VAL B 191 -36.39 -10.80 -1.93
N GLY B 192 -36.93 -9.60 -2.10
CA GLY B 192 -37.01 -8.63 -1.02
C GLY B 192 -37.17 -7.23 -1.60
N ALA B 193 -37.41 -6.25 -0.74
CA ALA B 193 -37.62 -4.88 -1.21
C ALA B 193 -36.33 -4.24 -1.71
N GLU B 194 -35.19 -4.78 -1.30
CA GLU B 194 -33.89 -4.22 -1.67
C GLU B 194 -33.38 -4.74 -3.01
N LEU B 195 -33.99 -5.81 -3.51
CA LEU B 195 -33.62 -6.35 -4.82
C LEU B 195 -33.63 -5.20 -5.81
N GLU B 196 -32.51 -4.96 -6.48
CA GLU B 196 -32.35 -3.77 -7.31
C GLU B 196 -32.43 -4.04 -8.81
N VAL B 197 -31.61 -4.96 -9.32
CA VAL B 197 -31.64 -5.31 -10.74
C VAL B 197 -31.37 -6.80 -10.97
N MET B 198 -31.76 -7.29 -12.14
CA MET B 198 -31.55 -8.68 -12.50
C MET B 198 -30.47 -8.82 -13.58
N ALA B 199 -29.82 -9.98 -13.61
CA ALA B 199 -28.83 -10.27 -14.63
C ALA B 199 -28.72 -11.79 -14.78
N PRO B 200 -28.15 -12.25 -15.91
CA PRO B 200 -28.01 -13.69 -16.16
C PRO B 200 -27.27 -14.40 -15.01
N GLY B 201 -27.82 -15.50 -14.52
CA GLY B 201 -27.22 -16.20 -13.40
C GLY B 201 -27.45 -17.70 -13.43
N ALA B 202 -28.09 -18.17 -14.49
CA ALA B 202 -28.38 -19.59 -14.64
C ALA B 202 -27.75 -20.08 -15.93
N GLY B 203 -27.04 -21.20 -15.84
CA GLY B 203 -26.32 -21.73 -16.99
C GLY B 203 -25.29 -20.75 -17.51
N VAL B 204 -24.56 -20.13 -16.59
CA VAL B 204 -23.52 -19.18 -16.96
C VAL B 204 -22.19 -19.87 -17.25
N TYR B 205 -21.73 -19.75 -18.49
CA TYR B 205 -20.48 -20.36 -18.94
C TYR B 205 -19.34 -19.37 -18.82
N SER B 206 -18.29 -19.75 -18.10
CA SER B 206 -17.14 -18.85 -17.89
C SER B 206 -15.84 -19.61 -17.61
N THR B 207 -14.80 -18.88 -17.21
CA THR B 207 -13.49 -19.46 -16.95
C THR B 207 -13.53 -20.31 -15.69
N TYR B 208 -12.59 -21.23 -15.58
CA TYR B 208 -12.54 -22.13 -14.44
C TYR B 208 -11.18 -22.83 -14.38
N PRO B 209 -10.61 -22.92 -13.16
CA PRO B 209 -9.34 -23.62 -12.93
C PRO B 209 -9.52 -25.12 -13.18
N THR B 210 -8.50 -25.77 -13.72
CA THR B 210 -7.27 -25.11 -14.12
C THR B 210 -7.22 -24.96 -15.62
N ASN B 211 -7.24 -23.71 -16.10
CA ASN B 211 -7.20 -23.41 -17.53
C ASN B 211 -8.34 -24.04 -18.30
N THR B 212 -9.49 -24.18 -17.65
CA THR B 212 -10.65 -24.74 -18.30
C THR B 212 -11.88 -23.84 -18.15
N TYR B 213 -13.06 -24.37 -18.47
CA TYR B 213 -14.29 -23.58 -18.44
C TYR B 213 -15.41 -24.38 -17.78
N ALA B 214 -16.36 -23.67 -17.18
CA ALA B 214 -17.43 -24.32 -16.43
C ALA B 214 -18.74 -23.55 -16.41
N THR B 215 -19.85 -24.30 -16.43
CA THR B 215 -21.19 -23.72 -16.29
C THR B 215 -21.65 -23.77 -14.84
N LEU B 216 -21.95 -22.60 -14.27
CA LEU B 216 -22.39 -22.48 -12.89
C LEU B 216 -23.76 -21.81 -12.79
N ASN B 217 -24.37 -21.91 -11.61
CA ASN B 217 -25.62 -21.20 -11.32
C ASN B 217 -25.50 -20.40 -10.04
N GLY B 218 -26.25 -19.31 -9.96
CA GLY B 218 -26.27 -18.50 -8.76
C GLY B 218 -26.36 -17.02 -9.05
N THR B 219 -26.66 -16.23 -8.03
CA THR B 219 -26.64 -14.79 -8.16
C THR B 219 -25.19 -14.31 -8.12
N SER B 220 -24.29 -15.19 -7.70
CA SER B 220 -22.85 -14.95 -7.79
C SER B 220 -22.42 -14.79 -9.25
N MET B 221 -23.18 -15.44 -10.14
CA MET B 221 -22.93 -15.32 -11.57
C MET B 221 -23.57 -14.05 -12.11
N ALA B 222 -24.69 -13.64 -11.51
CA ALA B 222 -25.41 -12.47 -11.97
C ALA B 222 -24.69 -11.18 -11.60
N SER B 223 -24.25 -11.09 -10.35
CA SER B 223 -23.56 -9.90 -9.85
C SER B 223 -22.49 -9.37 -10.83
N PRO B 224 -21.55 -10.25 -11.24
CA PRO B 224 -20.42 -9.79 -12.06
C PRO B 224 -20.84 -9.26 -13.43
N HIS B 225 -22.06 -9.58 -13.87
CA HIS B 225 -22.58 -9.02 -15.12
C HIS B 225 -22.86 -7.53 -14.94
N VAL B 226 -23.44 -7.19 -13.80
CA VAL B 226 -23.70 -5.80 -13.43
C VAL B 226 -22.39 -5.08 -13.16
N ALA B 227 -21.46 -5.77 -12.52
CA ALA B 227 -20.14 -5.23 -12.25
C ALA B 227 -19.45 -4.83 -13.56
N GLY B 228 -19.48 -5.73 -14.54
CA GLY B 228 -18.91 -5.44 -15.84
C GLY B 228 -19.60 -4.27 -16.51
N ALA B 229 -20.93 -4.32 -16.50
CA ALA B 229 -21.77 -3.26 -17.08
C ALA B 229 -21.37 -1.88 -16.54
N ALA B 230 -21.21 -1.80 -15.22
CA ALA B 230 -20.73 -0.58 -14.57
C ALA B 230 -19.40 -0.12 -15.17
N ALA B 231 -18.53 -1.08 -15.48
CA ALA B 231 -17.22 -0.76 -16.06
C ALA B 231 -17.36 -0.22 -17.49
N LEU B 232 -18.29 -0.79 -18.25
CA LEU B 232 -18.56 -0.34 -19.61
C LEU B 232 -19.07 1.10 -19.59
N ILE B 233 -20.03 1.38 -18.70
CA ILE B 233 -20.55 2.73 -18.54
C ILE B 233 -19.41 3.70 -18.34
N LEU B 234 -18.50 3.35 -17.42
CA LEU B 234 -17.37 4.22 -17.07
C LEU B 234 -16.40 4.42 -18.23
N SER B 235 -16.26 3.42 -19.09
CA SER B 235 -15.30 3.50 -20.17
C SER B 235 -15.81 4.48 -21.23
N LYS B 236 -17.12 4.69 -21.22
CA LYS B 236 -17.74 5.64 -22.13
C LYS B 236 -17.97 6.98 -21.45
N HIS B 237 -18.12 6.96 -20.13
CA HIS B 237 -18.35 8.16 -19.34
C HIS B 237 -17.50 8.15 -18.09
N PRO B 238 -16.19 8.33 -18.24
CA PRO B 238 -15.25 8.29 -17.11
C PRO B 238 -15.58 9.38 -16.09
N ASN B 239 -16.47 10.28 -16.48
CA ASN B 239 -16.87 11.41 -15.65
C ASN B 239 -17.87 11.04 -14.55
N LEU B 240 -18.65 9.99 -14.79
CA LEU B 240 -19.80 9.67 -13.94
C LEU B 240 -19.46 9.30 -12.50
N SER B 241 -20.25 9.80 -11.57
CA SER B 241 -20.12 9.42 -10.16
C SER B 241 -20.68 8.02 -9.96
N ALA B 242 -20.42 7.45 -8.78
CA ALA B 242 -20.91 6.10 -8.49
C ALA B 242 -22.43 6.01 -8.60
N SER B 243 -23.13 6.99 -8.01
CA SER B 243 -24.58 7.03 -8.09
C SER B 243 -25.09 7.15 -9.53
N GLN B 244 -24.52 8.06 -10.31
CA GLN B 244 -24.97 8.26 -11.69
C GLN B 244 -24.91 6.96 -12.49
N VAL B 245 -23.81 6.22 -12.31
CA VAL B 245 -23.65 4.94 -12.96
C VAL B 245 -24.71 3.97 -12.49
N ARG B 246 -24.82 3.80 -11.18
CA ARG B 246 -25.77 2.89 -10.59
C ARG B 246 -27.20 3.18 -11.05
N ASN B 247 -27.61 4.44 -10.95
CA ASN B 247 -28.97 4.79 -11.34
C ASN B 247 -29.25 4.55 -12.83
N ARG B 248 -28.24 4.76 -13.67
CA ARG B 248 -28.40 4.48 -15.09
C ARG B 248 -28.75 3.01 -15.33
N LEU B 249 -28.12 2.11 -14.59
CA LEU B 249 -28.38 0.69 -14.73
C LEU B 249 -29.81 0.33 -14.29
N SER B 250 -30.26 0.92 -13.20
CA SER B 250 -31.55 0.58 -12.60
C SER B 250 -32.73 1.27 -13.26
N SER B 251 -32.50 2.38 -13.94
CA SER B 251 -33.61 3.10 -14.56
C SER B 251 -33.62 3.02 -16.10
N THR B 252 -32.84 2.09 -16.64
CA THR B 252 -32.92 1.74 -18.06
C THR B 252 -33.09 0.24 -18.22
N ALA B 253 -33.45 -0.44 -17.13
CA ALA B 253 -33.61 -1.89 -17.15
C ALA B 253 -34.90 -2.32 -17.84
N THR B 254 -34.82 -3.41 -18.60
CA THR B 254 -35.97 -3.99 -19.26
C THR B 254 -36.93 -4.59 -18.24
N TYR B 255 -38.19 -4.19 -18.29
CA TYR B 255 -39.15 -4.65 -17.31
C TYR B 255 -39.39 -6.14 -17.39
N LEU B 256 -39.44 -6.80 -16.24
CA LEU B 256 -39.58 -8.26 -16.20
C LEU B 256 -40.61 -8.75 -15.21
N GLY B 257 -41.15 -7.85 -14.39
CA GLY B 257 -42.16 -8.24 -13.44
C GLY B 257 -42.11 -7.42 -12.17
N SER B 258 -42.87 -7.84 -11.17
CA SER B 258 -42.94 -7.14 -9.89
C SER B 258 -41.55 -7.02 -9.27
N SER B 259 -41.26 -5.86 -8.68
CA SER B 259 -39.90 -5.57 -8.20
C SER B 259 -39.46 -6.37 -6.98
N PHE B 260 -40.41 -6.94 -6.24
CA PHE B 260 -40.09 -7.80 -5.10
C PHE B 260 -39.32 -9.02 -5.61
N TYR B 261 -39.60 -9.39 -6.86
CA TYR B 261 -39.01 -10.57 -7.47
C TYR B 261 -37.98 -10.24 -8.56
N TYR B 262 -38.18 -9.13 -9.27
CA TYR B 262 -37.33 -8.79 -10.41
C TYR B 262 -36.61 -7.46 -10.27
N GLY B 263 -36.79 -6.79 -9.13
CA GLY B 263 -36.29 -5.44 -8.95
C GLY B 263 -36.77 -4.54 -10.08
N LYS B 264 -35.94 -3.57 -10.46
CA LYS B 264 -36.29 -2.64 -11.52
C LYS B 264 -36.18 -3.29 -12.90
N GLY B 265 -35.71 -4.55 -12.95
CA GLY B 265 -35.65 -5.27 -14.21
C GLY B 265 -34.28 -5.75 -14.64
N LEU B 266 -34.23 -6.32 -15.85
CA LEU B 266 -33.00 -6.85 -16.44
C LEU B 266 -32.11 -5.73 -16.99
N ILE B 267 -30.84 -5.71 -16.57
CA ILE B 267 -29.94 -4.64 -17.03
C ILE B 267 -29.83 -4.58 -18.53
N ASN B 268 -29.79 -3.36 -19.05
CA ASN B 268 -29.57 -3.11 -20.47
C ASN B 268 -28.47 -2.06 -20.58
N VAL B 269 -27.26 -2.49 -20.87
CA VAL B 269 -26.12 -1.57 -20.88
C VAL B 269 -26.17 -0.58 -22.04
N GLU B 270 -26.70 -1.02 -23.18
CA GLU B 270 -26.85 -0.13 -24.31
C GLU B 270 -27.69 1.07 -23.92
N ALA B 271 -28.81 0.83 -23.25
CA ALA B 271 -29.65 1.91 -22.78
C ALA B 271 -28.97 2.68 -21.65
N ALA B 272 -28.35 1.96 -20.73
CA ALA B 272 -27.64 2.56 -19.61
C ALA B 272 -26.55 3.54 -20.05
N ALA B 273 -25.80 3.19 -21.09
CA ALA B 273 -24.67 3.99 -21.53
C ALA B 273 -25.01 5.04 -22.59
N GLN B 274 -26.30 5.32 -22.79
CA GLN B 274 -26.69 6.29 -23.79
C GLN B 274 -25.98 7.63 -23.53
N ALA C 1 -20.20 13.45 -2.76
CA ALA C 1 -19.19 12.40 -2.76
C ALA C 1 -18.32 12.49 -1.52
N GLN C 2 -18.81 13.18 -0.49
CA GLN C 2 -18.10 13.30 0.77
C GLN C 2 -18.87 12.64 1.90
N THR C 3 -18.29 11.60 2.49
CA THR C 3 -18.91 10.96 3.65
C THR C 3 -18.40 11.61 4.92
N VAL C 4 -19.23 11.57 5.95
CA VAL C 4 -18.81 11.98 7.27
C VAL C 4 -18.49 10.72 8.06
N PRO C 5 -17.22 10.56 8.48
CA PRO C 5 -16.82 9.39 9.26
C PRO C 5 -17.64 9.32 10.54
N TYR C 6 -17.86 8.11 11.06
CA TYR C 6 -18.74 7.92 12.22
C TYR C 6 -18.20 8.57 13.48
N GLY C 7 -16.98 9.10 13.40
CA GLY C 7 -16.37 9.78 14.54
C GLY C 7 -16.96 11.15 14.80
N ILE C 8 -17.23 11.90 13.72
CA ILE C 8 -17.78 13.25 13.85
C ILE C 8 -19.13 13.28 14.57
N PRO C 9 -20.10 12.46 14.13
CA PRO C 9 -21.40 12.47 14.82
C PRO C 9 -21.37 11.80 16.20
N LEU C 10 -20.40 10.92 16.45
CA LEU C 10 -20.37 10.18 17.71
C LEU C 10 -19.88 11.03 18.88
N ILE C 11 -19.05 12.03 18.58
CA ILE C 11 -18.59 12.95 19.60
C ILE C 11 -19.39 14.25 19.49
N LYS C 12 -20.34 14.27 18.56
CA LYS C 12 -21.24 15.40 18.39
C LYS C 12 -20.56 16.66 17.84
N ALA C 13 -19.52 16.46 17.05
CA ALA C 13 -18.83 17.57 16.39
C ALA C 13 -19.68 18.13 15.26
N ASP C 14 -20.66 17.36 14.82
CA ASP C 14 -21.58 17.80 13.76
C ASP C 14 -22.56 18.84 14.29
N LYS C 15 -22.94 18.70 15.56
CA LYS C 15 -23.85 19.65 16.21
C LYS C 15 -23.21 21.03 16.31
N VAL C 16 -21.95 21.05 16.74
CA VAL C 16 -21.21 22.30 16.86
C VAL C 16 -20.92 22.92 15.48
N GLN C 17 -20.50 22.08 14.55
CA GLN C 17 -20.25 22.55 13.18
C GLN C 17 -21.50 23.20 12.59
N ALA C 18 -22.66 22.65 12.94
CA ALA C 18 -23.93 23.16 12.44
C ALA C 18 -24.21 24.57 12.93
N GLN C 19 -23.51 24.97 13.98
CA GLN C 19 -23.65 26.32 14.53
C GLN C 19 -22.69 27.28 13.86
N GLY C 20 -21.91 26.77 12.90
CA GLY C 20 -20.98 27.59 12.16
C GLY C 20 -19.56 27.52 12.67
N PHE C 21 -19.38 26.95 13.86
CA PHE C 21 -18.05 26.84 14.46
C PHE C 21 -17.33 25.59 13.96
N LYS C 22 -16.38 25.79 13.05
CA LYS C 22 -15.67 24.68 12.43
C LYS C 22 -14.17 24.74 12.67
N GLY C 23 -13.74 25.62 13.58
CA GLY C 23 -12.36 25.68 14.01
C GLY C 23 -11.48 26.66 13.24
N ALA C 24 -12.09 27.56 12.49
CA ALA C 24 -11.33 28.57 11.76
C ALA C 24 -10.47 29.40 12.72
N ASN C 25 -9.31 29.83 12.24
CA ASN C 25 -8.37 30.64 13.03
C ASN C 25 -7.55 29.83 14.05
N VAL C 26 -8.01 28.62 14.38
CA VAL C 26 -7.29 27.76 15.32
C VAL C 26 -6.16 27.01 14.61
N LYS C 27 -4.97 27.08 15.18
CA LYS C 27 -3.78 26.48 14.57
C LYS C 27 -3.46 25.13 15.21
N VAL C 28 -3.67 24.05 14.47
CA VAL C 28 -3.44 22.71 15.01
C VAL C 28 -2.23 22.05 14.36
N ALA C 29 -1.35 21.52 15.20
CA ALA C 29 -0.12 20.88 14.73
C ALA C 29 -0.14 19.37 14.95
N VAL C 30 0.09 18.63 13.87
CA VAL C 30 0.14 17.17 13.94
C VAL C 30 1.58 16.69 13.94
N LEU C 31 2.06 16.26 15.08
CA LEU C 31 3.42 15.71 15.20
C LEU C 31 3.43 14.26 14.78
N ASP C 32 3.61 14.01 13.48
CA ASP C 32 3.53 12.66 12.93
C ASP C 32 4.54 12.43 11.80
N THR C 33 4.24 11.48 10.93
CA THR C 33 5.13 11.13 9.82
C THR C 33 5.00 12.14 8.67
N GLY C 34 4.38 13.28 8.95
CA GLY C 34 4.16 14.29 7.93
C GLY C 34 2.77 14.22 7.33
N ILE C 35 2.50 15.04 6.33
CA ILE C 35 1.19 15.08 5.69
C ILE C 35 1.31 15.21 4.19
N GLN C 36 0.43 14.54 3.45
CA GLN C 36 0.40 14.70 2.00
C GLN C 36 -0.32 16.00 1.64
N ALA C 37 0.43 17.10 1.61
CA ALA C 37 -0.13 18.41 1.38
C ALA C 37 -0.99 18.48 0.12
N SER C 38 -0.51 17.85 -0.95
CA SER C 38 -1.20 17.92 -2.24
C SER C 38 -2.47 17.07 -2.26
N HIS C 39 -2.74 16.38 -1.16
CA HIS C 39 -4.00 15.66 -1.05
C HIS C 39 -5.15 16.65 -1.19
N PRO C 40 -6.06 16.40 -2.14
CA PRO C 40 -7.19 17.29 -2.42
C PRO C 40 -7.98 17.68 -1.17
N ASP C 41 -8.19 16.75 -0.25
CA ASP C 41 -9.01 17.02 0.93
C ASP C 41 -8.20 17.51 2.13
N LEU C 42 -7.03 18.10 1.86
CA LEU C 42 -6.18 18.63 2.92
C LEU C 42 -5.52 19.96 2.56
N ASN C 43 -5.57 20.89 3.50
CA ASN C 43 -4.90 22.18 3.35
C ASN C 43 -3.82 22.37 4.41
N VAL C 44 -2.60 21.94 4.10
CA VAL C 44 -1.47 22.14 4.99
C VAL C 44 -0.90 23.54 4.76
N VAL C 45 -0.97 24.39 5.78
CA VAL C 45 -0.60 25.78 5.62
C VAL C 45 0.82 26.08 6.13
N GLY C 46 1.35 25.19 6.95
CA GLY C 46 2.69 25.35 7.47
C GLY C 46 3.22 24.11 8.18
N GLY C 47 4.39 24.24 8.78
CA GLY C 47 5.02 23.15 9.50
C GLY C 47 6.53 23.10 9.27
N ALA C 48 7.18 22.09 9.83
CA ALA C 48 8.62 21.91 9.66
C ALA C 48 9.00 20.44 9.71
N SER C 49 10.10 20.09 9.05
CA SER C 49 10.56 18.71 9.02
C SER C 49 11.79 18.47 9.90
N PHE C 50 11.74 17.40 10.69
CA PHE C 50 12.86 17.03 11.55
C PHE C 50 13.37 15.61 11.25
N VAL C 51 13.23 15.22 9.99
CA VAL C 51 13.81 13.97 9.49
C VAL C 51 14.62 14.27 8.23
N ALA C 52 15.89 13.92 8.26
CA ALA C 52 16.80 14.26 7.16
C ALA C 52 16.35 13.65 5.83
N GLY C 53 16.41 14.47 4.78
CA GLY C 53 16.10 14.02 3.43
C GLY C 53 14.67 14.28 2.98
N GLU C 54 13.75 14.36 3.94
CA GLU C 54 12.33 14.53 3.63
C GLU C 54 11.79 15.88 4.12
N ALA C 55 10.89 16.47 3.34
CA ALA C 55 10.28 17.74 3.69
C ALA C 55 9.11 17.51 4.66
N TYR C 56 8.45 18.59 5.05
CA TYR C 56 7.33 18.49 5.98
C TYR C 56 6.01 18.25 5.26
N ASN C 57 5.98 18.55 3.96
CA ASN C 57 4.76 18.47 3.18
C ASN C 57 4.56 17.13 2.45
N THR C 58 5.39 16.14 2.77
CA THR C 58 5.21 14.80 2.23
C THR C 58 5.03 13.79 3.36
N ASP C 59 4.26 12.74 3.09
CA ASP C 59 4.11 11.66 4.05
C ASP C 59 4.41 10.31 3.41
N GLY C 60 5.49 9.68 3.88
CA GLY C 60 5.94 8.42 3.31
C GLY C 60 5.46 7.19 4.07
N ASN C 61 4.65 7.42 5.11
CA ASN C 61 4.09 6.31 5.87
C ASN C 61 2.59 6.15 5.61
N GLY C 62 1.87 7.26 5.73
CA GLY C 62 0.42 7.24 5.58
C GLY C 62 -0.28 7.65 6.87
N HIS C 63 0.31 7.21 7.97
CA HIS C 63 -0.21 7.50 9.30
C HIS C 63 -0.50 8.98 9.50
N GLY C 64 0.53 9.81 9.37
CA GLY C 64 0.40 11.24 9.56
C GLY C 64 -0.78 11.80 8.79
N THR C 65 -0.85 11.46 7.51
CA THR C 65 -1.92 11.94 6.65
C THR C 65 -3.28 11.51 7.17
N HIS C 66 -3.33 10.31 7.72
CA HIS C 66 -4.60 9.75 8.20
C HIS C 66 -4.97 10.29 9.57
N VAL C 67 -4.00 10.87 10.27
CA VAL C 67 -4.27 11.51 11.56
C VAL C 67 -4.77 12.93 11.33
N ALA C 68 -4.11 13.64 10.42
CA ALA C 68 -4.47 15.02 10.12
C ALA C 68 -5.83 15.12 9.41
N GLY C 69 -6.18 14.08 8.65
CA GLY C 69 -7.48 14.04 8.01
C GLY C 69 -8.62 13.98 9.00
N THR C 70 -8.42 13.22 10.07
CA THR C 70 -9.42 13.11 11.14
C THR C 70 -9.62 14.45 11.85
N VAL C 71 -8.65 15.34 11.74
CA VAL C 71 -8.73 16.66 12.37
C VAL C 71 -9.30 17.71 11.42
N ALA C 72 -8.66 17.89 10.27
CA ALA C 72 -8.98 19.01 9.40
C ALA C 72 -9.16 18.66 7.92
N ALA C 73 -9.85 17.56 7.62
CA ALA C 73 -10.18 17.23 6.24
C ALA C 73 -11.17 18.25 5.71
N LEU C 74 -10.89 18.78 4.52
CA LEU C 74 -11.69 19.87 3.95
C LEU C 74 -13.17 19.54 3.84
N ASP C 75 -14.00 20.42 4.41
CA ASP C 75 -15.45 20.32 4.27
C ASP C 75 -15.83 20.76 2.86
N ASN C 76 -15.85 19.81 1.94
CA ASN C 76 -16.05 20.12 0.53
C ASN C 76 -16.93 19.11 -0.18
N THR C 77 -16.89 19.16 -1.51
CA THR C 77 -17.69 18.28 -2.34
C THR C 77 -17.13 16.87 -2.41
N THR C 78 -16.04 16.60 -1.70
CA THR C 78 -15.38 15.31 -1.80
C THR C 78 -14.62 14.87 -0.56
N GLY C 79 -14.20 13.60 -0.58
CA GLY C 79 -13.36 13.03 0.45
C GLY C 79 -14.09 12.73 1.74
N VAL C 80 -13.49 13.13 2.84
CA VAL C 80 -14.10 12.96 4.15
C VAL C 80 -14.31 14.31 4.83
N LEU C 81 -14.65 14.28 6.11
CA LEU C 81 -14.89 15.49 6.88
C LEU C 81 -14.22 15.37 8.25
N GLY C 82 -13.44 16.38 8.61
CA GLY C 82 -12.75 16.38 9.88
C GLY C 82 -13.56 16.97 11.02
N VAL C 83 -13.14 16.70 12.25
CA VAL C 83 -13.79 17.25 13.43
C VAL C 83 -13.75 18.78 13.41
N ALA C 84 -12.59 19.34 13.08
CA ALA C 84 -12.44 20.78 12.92
C ALA C 84 -11.91 21.09 11.53
N PRO C 85 -12.80 21.04 10.52
CA PRO C 85 -12.44 21.16 9.09
C PRO C 85 -11.92 22.54 8.67
N SER C 86 -11.97 23.53 9.56
CA SER C 86 -11.55 24.88 9.20
C SER C 86 -10.20 25.27 9.82
N VAL C 87 -9.65 24.37 10.63
CA VAL C 87 -8.37 24.60 11.29
C VAL C 87 -7.25 24.96 10.32
N SER C 88 -6.31 25.78 10.79
CA SER C 88 -5.06 26.00 10.07
C SER C 88 -4.13 24.82 10.35
N LEU C 89 -3.84 24.04 9.33
CA LEU C 89 -3.15 22.76 9.52
C LEU C 89 -1.65 22.85 9.32
N TYR C 90 -0.90 22.40 10.32
CA TYR C 90 0.55 22.43 10.28
C TYR C 90 1.14 21.03 10.43
N ALA C 91 2.13 20.72 9.60
CA ALA C 91 2.74 19.39 9.59
C ALA C 91 4.15 19.37 10.19
N VAL C 92 4.26 18.85 11.41
CA VAL C 92 5.54 18.72 12.09
C VAL C 92 6.04 17.27 12.00
N LYS C 93 6.95 17.01 11.06
CA LYS C 93 7.46 15.67 10.82
C LYS C 93 8.50 15.25 11.86
N VAL C 94 8.11 14.37 12.78
CA VAL C 94 9.00 13.90 13.82
C VAL C 94 9.27 12.41 13.68
N LEU C 95 8.42 11.73 12.90
CA LEU C 95 8.57 10.30 12.66
C LEU C 95 9.14 10.03 11.27
N ASN C 96 9.66 8.82 11.07
CA ASN C 96 10.17 8.43 9.76
C ASN C 96 9.15 7.63 8.97
N SER C 97 9.51 7.26 7.75
CA SER C 97 8.64 6.50 6.86
C SER C 97 8.14 5.21 7.51
N SER C 98 8.85 4.74 8.52
CA SER C 98 8.50 3.49 9.18
C SER C 98 7.64 3.70 10.42
N GLY C 99 7.34 4.96 10.72
CA GLY C 99 6.57 5.30 11.89
C GLY C 99 7.37 5.19 13.18
N SER C 100 8.65 5.49 13.10
CA SER C 100 9.54 5.44 14.26
C SER C 100 10.27 6.77 14.44
N GLY C 101 10.81 7.00 15.64
CA GLY C 101 11.53 8.23 15.90
C GLY C 101 12.35 8.20 17.18
N SER C 102 13.13 9.25 17.39
CA SER C 102 13.93 9.39 18.60
C SER C 102 13.31 10.43 19.51
N TYR C 103 13.49 10.28 20.82
CA TYR C 103 12.99 11.27 21.77
C TYR C 103 13.44 12.68 21.40
N SER C 104 14.61 12.78 20.78
CA SER C 104 15.16 14.07 20.39
C SER C 104 14.35 14.72 19.28
N GLY C 105 13.92 13.92 18.31
CA GLY C 105 13.15 14.42 17.18
C GLY C 105 11.78 14.93 17.59
N ILE C 106 11.20 14.29 18.59
CA ILE C 106 9.88 14.70 19.09
C ILE C 106 9.98 15.98 19.91
N VAL C 107 10.98 16.05 20.79
CA VAL C 107 11.22 17.26 21.57
C VAL C 107 11.37 18.45 20.63
N SER C 108 12.04 18.23 19.50
CA SER C 108 12.24 19.28 18.50
C SER C 108 10.92 19.84 17.96
N GLY C 109 10.00 18.94 17.62
CA GLY C 109 8.71 19.32 17.08
C GLY C 109 7.90 20.10 18.09
N ILE C 110 7.84 19.57 19.31
CA ILE C 110 7.16 20.25 20.40
C ILE C 110 7.64 21.68 20.52
N GLU C 111 8.96 21.84 20.55
CA GLU C 111 9.57 23.15 20.68
C GLU C 111 9.25 24.05 19.51
N TRP C 112 9.33 23.52 18.29
CA TRP C 112 8.98 24.28 17.12
C TRP C 112 7.53 24.72 17.22
N ALA C 113 6.67 23.83 17.73
CA ALA C 113 5.25 24.11 17.86
C ALA C 113 4.99 25.24 18.85
N THR C 114 5.77 25.28 19.92
CA THR C 114 5.62 26.32 20.93
C THR C 114 6.06 27.68 20.41
N THR C 115 7.08 27.68 19.55
CA THR C 115 7.67 28.92 19.06
C THR C 115 6.82 29.59 17.98
N ASN C 116 6.17 28.76 17.16
CA ASN C 116 5.37 29.29 16.06
C ASN C 116 3.90 29.49 16.42
N GLY C 117 3.57 29.15 17.67
CA GLY C 117 2.25 29.44 18.20
C GLY C 117 1.12 28.53 17.76
N MET C 118 1.27 27.23 18.03
CA MET C 118 0.20 26.29 17.76
C MET C 118 -0.80 26.34 18.90
N ASP C 119 -2.09 26.29 18.57
CA ASP C 119 -3.14 26.28 19.59
C ASP C 119 -3.37 24.85 20.10
N VAL C 120 -3.24 23.88 19.21
CA VAL C 120 -3.38 22.47 19.61
C VAL C 120 -2.23 21.61 19.09
N ILE C 121 -1.75 20.72 19.96
CA ILE C 121 -0.69 19.78 19.61
C ILE C 121 -1.21 18.34 19.69
N ASN C 122 -1.16 17.64 18.57
CA ASN C 122 -1.55 16.24 18.54
C ASN C 122 -0.36 15.31 18.34
N MET C 123 -0.31 14.25 19.13
CA MET C 123 0.77 13.27 19.03
C MET C 123 0.23 11.84 19.05
N SER C 124 0.00 11.28 17.87
CA SER C 124 -0.41 9.88 17.75
C SER C 124 0.82 8.99 17.80
N LEU C 125 1.42 8.88 18.98
CA LEU C 125 2.69 8.18 19.14
C LEU C 125 3.02 7.99 20.63
N GLY C 126 4.06 7.22 20.92
CA GLY C 126 4.46 7.01 22.29
C GLY C 126 5.40 5.86 22.55
N GLY C 127 6.48 6.15 23.27
CA GLY C 127 7.39 5.12 23.73
C GLY C 127 7.00 4.67 25.13
N ALA C 128 7.60 3.58 25.59
CA ALA C 128 7.28 3.04 26.90
C ALA C 128 7.95 3.85 28.00
N SER C 129 9.13 4.37 27.72
CA SER C 129 9.84 5.22 28.66
C SER C 129 9.69 6.68 28.27
N GLY C 130 9.88 7.58 29.22
CA GLY C 130 9.86 9.00 28.92
C GLY C 130 11.28 9.52 28.83
N SER C 131 11.41 10.84 28.68
CA SER C 131 12.71 11.49 28.76
C SER C 131 12.49 12.90 29.28
N THR C 132 13.39 13.37 30.14
CA THR C 132 13.22 14.67 30.78
C THR C 132 13.17 15.81 29.77
N ALA C 133 13.85 15.64 28.64
CA ALA C 133 13.83 16.65 27.59
C ALA C 133 12.47 16.73 26.90
N MET C 134 11.70 15.65 27.02
CA MET C 134 10.37 15.60 26.43
C MET C 134 9.30 16.00 27.44
N LYS C 135 9.50 15.65 28.70
CA LYS C 135 8.60 16.09 29.77
C LYS C 135 8.74 17.60 29.91
N GLN C 136 9.92 18.10 29.58
CA GLN C 136 10.21 19.53 29.64
C GLN C 136 9.65 20.25 28.43
N ALA C 137 9.73 19.61 27.27
CA ALA C 137 9.22 20.18 26.04
C ALA C 137 7.70 20.40 26.10
N VAL C 138 7.00 19.45 26.71
CA VAL C 138 5.55 19.52 26.82
C VAL C 138 5.09 20.46 27.93
N ASP C 139 5.71 20.33 29.10
CA ASP C 139 5.37 21.18 30.24
C ASP C 139 5.52 22.65 29.86
N ASN C 140 6.58 22.96 29.13
CA ASN C 140 6.82 24.32 28.68
C ASN C 140 5.93 24.72 27.50
N ALA C 141 5.19 23.77 26.97
CA ALA C 141 4.28 24.06 25.87
C ALA C 141 2.86 24.26 26.40
N TYR C 142 2.50 23.43 27.38
CA TYR C 142 1.19 23.52 28.01
C TYR C 142 1.05 24.83 28.76
N ALA C 143 2.10 25.21 29.50
CA ALA C 143 2.08 26.43 30.29
C ALA C 143 2.00 27.68 29.42
N ARG C 144 2.32 27.53 28.14
CA ARG C 144 2.37 28.67 27.24
C ARG C 144 1.10 28.86 26.41
N GLY C 145 0.09 28.02 26.67
CA GLY C 145 -1.20 28.17 26.04
C GLY C 145 -1.56 27.10 25.03
N VAL C 146 -0.62 26.21 24.73
CA VAL C 146 -0.82 25.16 23.74
C VAL C 146 -1.47 23.91 24.36
N VAL C 147 -2.59 23.49 23.79
CA VAL C 147 -3.27 22.28 24.24
C VAL C 147 -2.56 21.05 23.68
N VAL C 148 -2.16 20.14 24.55
CA VAL C 148 -1.37 18.99 24.14
C VAL C 148 -2.12 17.67 24.29
N VAL C 149 -2.36 17.00 23.16
CA VAL C 149 -3.05 15.72 23.15
C VAL C 149 -2.12 14.63 22.61
N ALA C 150 -2.40 13.39 23.00
CA ALA C 150 -1.60 12.26 22.54
C ALA C 150 -2.33 10.95 22.77
N ALA C 151 -2.02 9.95 21.94
CA ALA C 151 -2.61 8.63 22.06
C ALA C 151 -2.19 7.97 23.37
N ALA C 152 -3.13 7.30 24.03
CA ALA C 152 -2.86 6.65 25.31
C ALA C 152 -2.06 5.37 25.14
N GLY C 153 -2.02 4.86 23.91
CA GLY C 153 -1.28 3.64 23.62
C GLY C 153 -2.19 2.47 23.35
N ASN C 154 -1.62 1.40 22.80
CA ASN C 154 -2.40 0.23 22.43
C ASN C 154 -1.93 -1.01 23.18
N SER C 155 -1.59 -0.83 24.45
CA SER C 155 -0.98 -1.89 25.24
C SER C 155 -2.01 -2.73 26.00
N GLY C 156 -3.28 -2.38 25.86
CA GLY C 156 -4.34 -3.13 26.51
C GLY C 156 -4.27 -3.14 28.02
N SER C 157 -4.72 -4.24 28.62
CA SER C 157 -4.77 -4.33 30.07
C SER C 157 -4.67 -5.77 30.57
N SER C 158 -4.01 -5.94 31.70
CA SER C 158 -4.02 -7.20 32.44
C SER C 158 -3.72 -6.92 33.90
N GLY C 159 -4.73 -7.09 34.76
CA GLY C 159 -4.60 -6.73 36.16
C GLY C 159 -4.58 -5.22 36.36
N ASN C 160 -4.06 -4.80 37.51
CA ASN C 160 -4.00 -3.39 37.86
C ASN C 160 -2.93 -2.64 37.07
N THR C 161 -2.26 -3.35 36.17
CA THR C 161 -1.11 -2.81 35.44
C THR C 161 -1.42 -1.52 34.67
N ASN C 162 -0.65 -0.48 34.94
CA ASN C 162 -0.71 0.76 34.17
C ASN C 162 0.02 0.59 32.84
N THR C 163 -0.70 0.80 31.74
CA THR C 163 -0.11 0.59 30.42
C THR C 163 -0.13 1.87 29.57
N ILE C 164 -0.13 3.03 30.22
CA ILE C 164 -0.14 4.31 29.52
C ILE C 164 1.26 4.69 29.08
N GLY C 165 1.37 5.26 27.88
CA GLY C 165 2.66 5.61 27.31
C GLY C 165 2.94 7.10 27.35
N TYR C 166 4.16 7.47 26.98
CA TYR C 166 4.59 8.86 26.98
C TYR C 166 4.65 9.33 25.54
N PRO C 167 4.32 10.61 25.29
CA PRO C 167 4.04 11.66 26.27
C PRO C 167 2.58 11.74 26.66
N ALA C 168 1.90 10.60 26.75
CA ALA C 168 0.49 10.59 27.12
C ALA C 168 0.33 10.48 28.64
N LYS C 169 1.34 9.94 29.31
CA LYS C 169 1.26 9.72 30.75
C LYS C 169 1.54 10.99 31.56
N TYR C 170 2.10 12.00 30.90
CA TYR C 170 2.34 13.28 31.56
C TYR C 170 1.02 13.93 31.97
N ASP C 171 1.04 14.67 33.08
CA ASP C 171 -0.15 15.35 33.56
C ASP C 171 -0.45 16.59 32.73
N SER C 172 0.57 17.07 32.01
CA SER C 172 0.42 18.25 31.15
C SER C 172 -0.02 17.85 29.75
N VAL C 173 -0.41 16.58 29.59
CA VAL C 173 -0.84 16.07 28.29
C VAL C 173 -2.11 15.23 28.43
N ILE C 174 -3.05 15.44 27.51
CA ILE C 174 -4.33 14.75 27.53
C ILE C 174 -4.22 13.33 26.97
N ALA C 175 -4.33 12.34 27.85
CA ALA C 175 -4.23 10.94 27.46
C ALA C 175 -5.55 10.41 26.92
N VAL C 176 -5.60 10.14 25.62
CA VAL C 176 -6.85 9.74 24.96
C VAL C 176 -6.88 8.28 24.54
N GLY C 177 -7.78 7.51 25.14
CA GLY C 177 -8.01 6.12 24.77
C GLY C 177 -8.90 5.98 23.55
N ALA C 178 -9.38 4.77 23.27
CA ALA C 178 -10.15 4.52 22.06
C ALA C 178 -11.37 3.63 22.25
N VAL C 179 -12.48 4.02 21.61
CA VAL C 179 -13.72 3.24 21.62
C VAL C 179 -14.21 2.95 20.21
N ASP C 180 -15.18 2.05 20.08
CA ASP C 180 -15.74 1.70 18.79
C ASP C 180 -17.05 2.46 18.53
N SER C 181 -17.72 2.13 17.43
CA SER C 181 -18.97 2.79 17.04
C SER C 181 -20.05 2.67 18.11
N ASN C 182 -20.02 1.57 18.85
CA ASN C 182 -21.02 1.30 19.88
C ASN C 182 -20.64 1.91 21.23
N SER C 183 -19.59 2.72 21.23
CA SER C 183 -19.11 3.38 22.45
C SER C 183 -18.44 2.41 23.43
N ASN C 184 -18.13 1.21 22.97
CA ASN C 184 -17.42 0.24 23.78
C ASN C 184 -15.91 0.39 23.64
N ARG C 185 -15.17 0.01 24.68
CA ARG C 185 -13.72 0.18 24.69
C ARG C 185 -13.01 -0.78 23.75
N ALA C 186 -12.12 -0.25 22.91
CA ALA C 186 -11.29 -1.09 22.06
C ALA C 186 -10.34 -1.90 22.93
N SER C 187 -10.43 -3.22 22.82
CA SER C 187 -9.70 -4.12 23.72
C SER C 187 -8.18 -3.93 23.69
N PHE C 188 -7.69 -3.13 22.74
CA PHE C 188 -6.26 -2.88 22.65
C PHE C 188 -5.87 -1.58 23.35
N SER C 189 -6.87 -0.79 23.72
CA SER C 189 -6.62 0.55 24.28
C SER C 189 -5.99 0.52 25.67
N SER C 190 -4.95 1.32 25.85
CA SER C 190 -4.20 1.38 27.12
C SER C 190 -5.06 1.79 28.30
N VAL C 191 -4.84 1.11 29.43
CA VAL C 191 -5.52 1.42 30.68
C VAL C 191 -4.58 2.19 31.62
N GLY C 192 -5.14 2.75 32.69
CA GLY C 192 -4.33 3.50 33.64
C GLY C 192 -5.08 4.64 34.29
N ALA C 193 -4.43 5.28 35.26
CA ALA C 193 -5.03 6.40 35.97
C ALA C 193 -4.74 7.72 35.28
N GLU C 194 -3.74 7.73 34.40
CA GLU C 194 -3.44 8.91 33.61
C GLU C 194 -4.41 9.05 32.45
N LEU C 195 -5.12 7.95 32.16
CA LEU C 195 -6.13 7.95 31.10
C LEU C 195 -7.20 8.99 31.40
N GLU C 196 -7.45 9.87 30.44
CA GLU C 196 -8.31 11.04 30.67
C GLU C 196 -9.66 10.95 29.98
N VAL C 197 -9.65 10.59 28.69
CA VAL C 197 -10.87 10.52 27.91
C VAL C 197 -10.81 9.42 26.85
N MET C 198 -11.96 9.13 26.26
CA MET C 198 -12.03 8.16 25.16
C MET C 198 -12.45 8.89 23.88
N ALA C 199 -12.40 8.16 22.77
CA ALA C 199 -12.75 8.73 21.47
C ALA C 199 -12.68 7.65 20.39
N PRO C 200 -13.33 7.90 19.24
CA PRO C 200 -13.34 6.93 18.15
C PRO C 200 -11.93 6.51 17.74
N GLY C 201 -11.62 5.23 17.92
CA GLY C 201 -10.33 4.70 17.50
C GLY C 201 -10.47 3.33 16.89
N ALA C 202 -11.69 2.96 16.51
CA ALA C 202 -11.98 1.67 15.92
C ALA C 202 -12.61 1.81 14.54
N GLY C 203 -11.89 1.35 13.52
CA GLY C 203 -12.33 1.49 12.15
C GLY C 203 -12.51 2.94 11.76
N VAL C 204 -11.48 3.74 12.01
CA VAL C 204 -11.55 5.16 11.66
C VAL C 204 -11.12 5.38 10.22
N TYR C 205 -11.92 6.14 9.49
CA TYR C 205 -11.75 6.31 8.06
C TYR C 205 -11.35 7.75 7.79
N SER C 206 -10.28 7.94 7.03
CA SER C 206 -9.76 9.28 6.81
C SER C 206 -8.81 9.33 5.61
N THR C 207 -8.28 10.51 5.32
CA THR C 207 -7.36 10.70 4.21
C THR C 207 -6.12 9.81 4.30
N TYR C 208 -5.53 9.51 3.15
CA TYR C 208 -4.37 8.64 3.09
C TYR C 208 -3.53 9.00 1.87
N PRO C 209 -2.20 8.92 2.01
CA PRO C 209 -1.24 9.41 1.00
C PRO C 209 -1.53 8.99 -0.44
N THR C 210 -1.21 9.92 -1.34
CA THR C 210 -1.54 9.83 -2.76
C THR C 210 -3.05 9.85 -2.99
N ASN C 211 -3.68 10.91 -2.49
CA ASN C 211 -5.03 11.30 -2.90
C ASN C 211 -6.13 10.28 -2.61
N THR C 212 -5.96 9.48 -1.57
CA THR C 212 -6.93 8.43 -1.27
C THR C 212 -7.37 8.41 0.19
N TYR C 213 -7.97 7.29 0.59
CA TYR C 213 -8.48 7.15 1.95
C TYR C 213 -8.30 5.73 2.45
N ALA C 214 -8.16 5.60 3.77
CA ALA C 214 -7.95 4.30 4.40
C ALA C 214 -8.71 4.23 5.70
N THR C 215 -8.93 3.00 6.17
CA THR C 215 -9.58 2.76 7.45
C THR C 215 -8.58 2.18 8.44
N LEU C 216 -8.22 2.97 9.45
CA LEU C 216 -7.18 2.57 10.41
C LEU C 216 -7.71 2.29 11.81
N ASN C 217 -6.87 1.67 12.63
CA ASN C 217 -7.19 1.40 14.03
C ASN C 217 -6.19 2.08 14.95
N GLY C 218 -6.37 1.89 16.25
CA GLY C 218 -5.40 2.41 17.22
C GLY C 218 -5.83 3.68 17.93
N THR C 219 -5.17 3.98 19.03
CA THR C 219 -5.43 5.22 19.76
C THR C 219 -4.85 6.42 19.02
N SER C 220 -4.15 6.13 17.92
CA SER C 220 -3.63 7.18 17.05
C SER C 220 -4.77 7.89 16.31
N MET C 221 -5.85 7.17 16.09
CA MET C 221 -7.02 7.74 15.42
C MET C 221 -7.93 8.41 16.45
N ALA C 222 -7.83 7.95 17.69
CA ALA C 222 -8.62 8.51 18.78
C ALA C 222 -8.17 9.92 19.15
N SER C 223 -6.86 10.16 19.04
CA SER C 223 -6.27 11.42 19.46
C SER C 223 -6.71 12.63 18.64
N PRO C 224 -6.68 12.53 17.29
CA PRO C 224 -7.06 13.67 16.45
C PRO C 224 -8.52 14.08 16.62
N HIS C 225 -9.33 13.23 17.24
CA HIS C 225 -10.71 13.58 17.58
C HIS C 225 -10.73 14.60 18.71
N VAL C 226 -9.99 14.30 19.77
CA VAL C 226 -9.85 15.22 20.90
C VAL C 226 -9.04 16.45 20.51
N ALA C 227 -8.04 16.26 19.67
CA ALA C 227 -7.23 17.38 19.17
C ALA C 227 -8.10 18.33 18.35
N GLY C 228 -9.08 17.77 17.65
CA GLY C 228 -9.99 18.57 16.84
C GLY C 228 -11.14 19.12 17.68
N ALA C 229 -11.54 18.35 18.68
CA ALA C 229 -12.59 18.77 19.60
C ALA C 229 -12.16 19.99 20.40
N ALA C 230 -10.85 20.24 20.43
CA ALA C 230 -10.31 21.41 21.11
C ALA C 230 -10.31 22.62 20.17
N ALA C 231 -10.04 22.38 18.89
CA ALA C 231 -10.04 23.44 17.90
C ALA C 231 -11.42 24.03 17.68
N LEU C 232 -12.45 23.31 18.13
CA LEU C 232 -13.83 23.77 18.01
C LEU C 232 -14.24 24.66 19.18
N ILE C 233 -13.91 24.22 20.39
CA ILE C 233 -14.17 25.01 21.60
C ILE C 233 -13.52 26.39 21.47
N LEU C 234 -12.47 26.47 20.65
CA LEU C 234 -11.69 27.69 20.51
C LEU C 234 -12.15 28.54 19.33
N SER C 235 -13.10 28.02 18.55
CA SER C 235 -13.70 28.80 17.47
C SER C 235 -15.01 29.41 17.96
N LYS C 236 -15.61 28.76 18.96
CA LYS C 236 -16.87 29.23 19.54
C LYS C 236 -16.60 30.06 20.79
N HIS C 237 -15.71 29.57 21.64
CA HIS C 237 -15.26 30.32 22.81
C HIS C 237 -13.76 30.58 22.71
N PRO C 238 -13.34 31.39 21.72
CA PRO C 238 -11.92 31.59 21.41
C PRO C 238 -11.16 32.37 22.48
N ASN C 239 -11.69 32.45 23.70
CA ASN C 239 -11.03 33.19 24.76
C ASN C 239 -10.68 32.31 25.97
N LEU C 240 -10.91 31.02 25.84
CA LEU C 240 -10.61 30.09 26.92
C LEU C 240 -9.12 29.76 26.97
N SER C 241 -8.59 29.54 28.17
CA SER C 241 -7.20 29.12 28.34
C SER C 241 -7.07 27.66 27.93
N ALA C 242 -5.84 27.19 27.85
CA ALA C 242 -5.58 25.79 27.51
C ALA C 242 -6.21 24.88 28.56
N SER C 243 -6.19 25.32 29.81
CA SER C 243 -6.72 24.54 30.92
C SER C 243 -8.25 24.54 30.97
N GLN C 244 -8.85 25.57 30.39
CA GLN C 244 -10.31 25.68 30.35
C GLN C 244 -10.89 24.82 29.22
N VAL C 245 -10.27 24.87 28.06
CA VAL C 245 -10.67 24.01 26.95
C VAL C 245 -10.57 22.56 27.38
N ARG C 246 -9.54 22.28 28.19
CA ARG C 246 -9.28 20.93 28.65
C ARG C 246 -10.26 20.49 29.74
N ASN C 247 -10.44 21.34 30.74
CA ASN C 247 -11.39 21.03 31.81
C ASN C 247 -12.79 20.83 31.25
N ARG C 248 -13.14 21.62 30.24
CA ARG C 248 -14.45 21.51 29.60
C ARG C 248 -14.65 20.17 28.89
N LEU C 249 -13.65 19.74 28.13
CA LEU C 249 -13.72 18.50 27.38
C LEU C 249 -13.89 17.28 28.28
N SER C 250 -13.27 17.33 29.46
CA SER C 250 -13.28 16.18 30.37
C SER C 250 -14.48 16.18 31.32
N SER C 251 -14.88 17.35 31.77
CA SER C 251 -16.05 17.47 32.65
C SER C 251 -17.34 17.11 31.91
N THR C 252 -17.47 17.60 30.67
CA THR C 252 -18.67 17.40 29.88
C THR C 252 -18.63 16.11 29.07
N ALA C 253 -17.81 15.15 29.51
CA ALA C 253 -17.70 13.88 28.81
C ALA C 253 -18.81 12.93 29.24
N THR C 254 -19.05 11.91 28.43
CA THR C 254 -20.06 10.91 28.76
C THR C 254 -19.42 9.72 29.46
N TYR C 255 -19.77 9.54 30.73
CA TYR C 255 -19.21 8.45 31.51
C TYR C 255 -19.63 7.13 30.89
N LEU C 256 -18.65 6.25 30.68
CA LEU C 256 -18.90 4.98 30.01
C LEU C 256 -18.59 3.80 30.93
N GLY C 257 -18.13 4.13 32.13
CA GLY C 257 -17.71 3.12 33.09
C GLY C 257 -16.41 3.51 33.76
N SER C 258 -15.83 2.58 34.50
CA SER C 258 -14.58 2.82 35.22
C SER C 258 -13.61 3.74 34.48
N SER C 259 -13.08 4.73 35.17
CA SER C 259 -12.16 5.69 34.56
C SER C 259 -10.77 5.10 34.35
N PHE C 260 -10.57 3.89 34.85
CA PHE C 260 -9.33 3.16 34.63
C PHE C 260 -9.35 2.52 33.25
N TYR C 261 -10.54 2.48 32.65
CA TYR C 261 -10.72 1.90 31.32
C TYR C 261 -11.20 2.95 30.33
N TYR C 262 -12.12 3.82 30.76
CA TYR C 262 -12.71 4.81 29.87
C TYR C 262 -12.29 6.23 30.20
N GLY C 263 -11.50 6.39 31.26
CA GLY C 263 -11.19 7.73 31.75
C GLY C 263 -12.46 8.44 32.13
N LYS C 264 -12.57 9.72 31.79
CA LYS C 264 -13.80 10.47 32.01
C LYS C 264 -14.93 9.90 31.15
N GLY C 265 -14.60 9.51 29.92
CA GLY C 265 -15.56 8.95 29.00
C GLY C 265 -15.47 9.55 27.60
N LEU C 266 -16.44 9.22 26.76
CA LEU C 266 -16.48 9.75 25.40
C LEU C 266 -16.74 11.25 25.40
N ILE C 267 -15.84 12.02 24.82
CA ILE C 267 -15.97 13.47 24.80
C ILE C 267 -17.25 13.90 24.11
N ASN C 268 -17.86 14.97 24.62
CA ASN C 268 -19.05 15.55 24.01
C ASN C 268 -18.76 16.98 23.57
N VAL C 269 -18.32 17.12 22.32
CA VAL C 269 -17.94 18.42 21.78
C VAL C 269 -19.08 19.44 21.88
N GLU C 270 -20.31 18.95 21.73
CA GLU C 270 -21.48 19.80 21.83
C GLU C 270 -21.64 20.36 23.24
N ALA C 271 -21.49 19.50 24.24
CA ALA C 271 -21.61 19.90 25.64
C ALA C 271 -20.44 20.75 26.09
N ALA C 272 -19.23 20.37 25.68
CA ALA C 272 -18.03 21.07 26.08
C ALA C 272 -17.95 22.48 25.48
N ALA C 273 -18.74 22.70 24.43
CA ALA C 273 -18.71 23.98 23.74
C ALA C 273 -20.00 24.77 23.93
N GLN C 274 -20.83 24.34 24.89
CA GLN C 274 -22.10 25.01 25.14
C GLN C 274 -21.89 26.44 25.64
N ALA D 1 36.27 4.35 -1.48
CA ALA D 1 35.04 5.07 -1.84
C ALA D 1 34.21 4.24 -2.82
N PRO D 2 32.95 3.94 -2.46
CA PRO D 2 32.15 3.06 -3.30
C PRO D 2 31.92 1.72 -2.61
N CYS D 3 30.70 1.50 -2.12
CA CYS D 3 30.37 0.28 -1.40
C CYS D 3 29.17 -0.43 -2.03
N PRO D 4 28.95 -1.71 -1.67
CA PRO D 4 27.80 -2.43 -2.18
C PRO D 4 26.53 -1.97 -1.46
N HIS D 5 25.42 -1.89 -2.19
CA HIS D 5 24.19 -1.39 -1.61
C HIS D 5 23.30 -2.49 -1.02
N THR D 6 23.90 -3.33 -0.18
CA THR D 6 23.09 -4.19 0.67
C THR D 6 22.71 -3.39 1.90
N TYR D 7 21.55 -3.69 2.45
CA TYR D 7 21.17 -3.10 3.74
C TYR D 7 21.39 -4.11 4.86
N LYS D 8 22.62 -4.14 5.38
CA LYS D 8 22.95 -4.87 6.60
C LYS D 8 23.43 -3.84 7.60
N PRO D 9 22.49 -3.05 8.15
CA PRO D 9 22.81 -1.87 8.96
C PRO D 9 23.73 -2.20 10.13
N VAL D 10 24.65 -1.27 10.41
CA VAL D 10 25.59 -1.41 11.52
C VAL D 10 25.58 -0.14 12.36
N CYS D 11 25.70 -0.31 13.68
CA CYS D 11 25.64 0.82 14.59
C CYS D 11 27.02 1.42 14.83
N GLY D 12 27.22 2.65 14.37
CA GLY D 12 28.47 3.35 14.58
C GLY D 12 28.61 3.84 16.02
N ALA D 13 29.83 3.80 16.54
CA ALA D 13 30.08 4.22 17.91
C ALA D 13 29.71 5.69 18.12
N ASN D 14 29.48 6.40 17.03
CA ASN D 14 29.11 7.81 17.09
C ASN D 14 27.60 8.04 17.15
N GLY D 15 26.84 6.97 17.29
CA GLY D 15 25.39 7.08 17.43
C GLY D 15 24.64 7.20 16.12
N GLU D 16 25.32 6.91 15.01
CA GLU D 16 24.68 6.92 13.70
C GLU D 16 24.82 5.57 12.99
N VAL D 17 23.75 5.15 12.33
CA VAL D 17 23.72 3.85 11.65
C VAL D 17 24.24 3.93 10.22
N TYR D 18 24.95 2.89 9.80
CA TYR D 18 25.46 2.81 8.42
C TYR D 18 24.93 1.55 7.73
N ASP D 19 24.68 1.66 6.43
CA ASP D 19 23.95 0.64 5.69
C ASP D 19 24.55 -0.76 5.72
N ASN D 20 25.88 -0.82 5.84
CA ASN D 20 26.59 -2.07 6.06
C ASN D 20 28.01 -1.79 6.48
N GLU D 21 28.74 -2.83 6.85
CA GLU D 21 30.07 -2.65 7.42
C GLU D 21 31.03 -1.88 6.50
N CYS D 22 30.86 -2.03 5.19
CA CYS D 22 31.74 -1.36 4.24
C CYS D 22 31.56 0.17 4.30
N PHE D 23 30.32 0.61 4.46
CA PHE D 23 30.04 2.03 4.66
C PHE D 23 30.56 2.50 6.01
N LEU D 24 30.40 1.64 7.02
CA LEU D 24 30.90 1.92 8.35
C LEU D 24 32.38 2.32 8.27
N ASN D 25 33.13 1.58 7.46
CA ASN D 25 34.57 1.78 7.36
C ASN D 25 34.98 2.98 6.50
N LYS D 26 34.23 3.26 5.44
CA LYS D 26 34.51 4.41 4.60
C LYS D 26 34.39 5.72 5.38
N ALA D 27 33.48 5.74 6.35
CA ALA D 27 33.24 6.94 7.15
C ALA D 27 34.30 7.10 8.23
N GLY D 28 35.04 6.03 8.49
CA GLY D 28 36.08 6.05 9.50
C GLY D 28 35.56 5.91 10.92
N ILE D 29 34.32 5.47 11.06
CA ILE D 29 33.71 5.28 12.38
C ILE D 29 33.94 3.86 12.88
N GLU D 30 34.01 3.71 14.20
CA GLU D 30 34.16 2.40 14.81
C GLU D 30 32.80 1.78 15.11
N PRO D 31 32.75 0.44 15.13
CA PRO D 31 31.54 -0.24 15.61
C PRO D 31 31.29 0.14 17.06
N ALA D 32 30.03 0.18 17.46
CA ALA D 32 29.67 0.64 18.81
C ALA D 32 29.67 -0.52 19.81
N GLU D 33 29.72 -1.75 19.30
CA GLU D 33 29.65 -2.93 20.15
C GLU D 33 28.53 -2.77 21.19
N SER D 34 27.51 -2.02 20.81
CA SER D 34 26.34 -1.79 21.65
C SER D 34 25.27 -1.06 20.87
N TRP D 35 24.21 -1.76 20.48
CA TRP D 35 23.16 -1.17 19.67
C TRP D 35 22.42 -0.05 20.39
N GLU D 36 22.52 -0.05 21.72
CA GLU D 36 21.90 0.98 22.53
C GLU D 36 22.43 2.37 22.15
N THR D 37 23.67 2.42 21.67
CA THR D 37 24.31 3.67 21.27
C THR D 37 23.56 4.34 20.11
N CYS D 38 22.61 3.61 19.52
CA CYS D 38 21.82 4.13 18.41
C CYS D 38 20.32 4.01 18.70
N ARG D 39 19.88 4.57 19.81
CA ARG D 39 18.47 4.52 20.18
C ARG D 39 17.67 5.50 19.34
N GLY D 40 16.49 5.06 18.90
CA GLY D 40 15.64 5.89 18.06
C GLY D 40 16.11 5.90 16.63
N HIS D 41 16.14 4.73 16.01
CA HIS D 41 16.54 4.61 14.61
C HIS D 41 15.47 3.93 13.78
N GLU D 42 15.24 2.65 14.07
CA GLU D 42 14.29 1.82 13.34
C GLU D 42 14.52 0.38 13.76
N LEU D 43 15.77 -0.07 13.62
CA LEU D 43 16.18 -1.35 14.16
C LEU D 43 16.22 -1.20 15.68
N CYS D 44 16.28 0.05 16.14
CA CYS D 44 16.24 0.36 17.56
C CYS D 44 15.49 1.67 17.81
N PRO D 45 14.15 1.65 17.65
CA PRO D 45 13.36 2.88 17.77
C PRO D 45 12.89 3.16 19.20
N SER D 46 12.87 4.44 19.57
CA SER D 46 12.32 4.88 20.84
C SER D 46 11.19 5.87 20.58
N VAL D 47 10.05 5.38 20.10
CA VAL D 47 8.92 6.24 19.76
C VAL D 47 7.70 5.42 19.29
N CYS D 48 7.58 5.26 17.97
CA CYS D 48 6.48 4.52 17.36
C CYS D 48 5.17 5.30 17.32
N THR D 49 4.45 5.15 16.20
CA THR D 49 3.08 5.64 16.12
C THR D 49 2.23 4.75 17.01
N GLU D 50 1.03 5.20 17.34
CA GLU D 50 0.13 4.39 18.15
C GLU D 50 -0.99 3.78 17.30
N GLU D 51 -0.64 3.37 16.09
CA GLU D 51 -1.56 2.62 15.24
C GLU D 51 -1.56 1.17 15.67
N TYR D 52 -2.74 0.57 15.75
CA TYR D 52 -2.84 -0.84 16.14
C TYR D 52 -2.80 -1.75 14.92
N ASP D 53 -1.67 -2.42 14.75
CA ASP D 53 -1.46 -3.32 13.62
C ASP D 53 -0.53 -4.42 14.15
N PRO D 54 -1.08 -5.33 14.96
CA PRO D 54 -0.33 -6.26 15.81
C PRO D 54 0.59 -7.22 15.05
N VAL D 55 1.65 -7.67 15.71
CA VAL D 55 2.60 -8.62 15.12
C VAL D 55 2.93 -9.77 16.06
N CYS D 56 3.24 -10.93 15.50
CA CYS D 56 3.45 -12.16 16.27
C CYS D 56 4.59 -12.07 17.29
N VAL D 57 5.78 -12.48 16.86
CA VAL D 57 6.98 -12.38 17.71
C VAL D 57 7.01 -13.43 18.82
N GLU D 58 5.96 -13.45 19.63
CA GLU D 58 5.85 -14.39 20.74
C GLU D 58 4.59 -14.11 21.54
N GLY D 59 4.70 -14.20 22.86
CA GLY D 59 3.58 -13.92 23.73
C GLY D 59 3.27 -12.43 23.80
N LYS D 60 4.23 -11.66 24.27
CA LYS D 60 4.14 -10.20 24.27
C LYS D 60 4.28 -9.68 22.84
N ILE D 61 3.25 -9.92 22.03
CA ILE D 61 3.25 -9.56 20.62
C ILE D 61 3.78 -8.14 20.35
N TYR D 62 2.88 -7.24 19.97
CA TYR D 62 3.24 -5.84 19.72
C TYR D 62 2.12 -5.11 18.99
N GLY D 63 1.73 -3.95 19.52
CA GLY D 63 0.72 -3.12 18.91
C GLY D 63 1.01 -2.89 17.45
N ASN D 64 2.29 -2.70 17.13
CA ASN D 64 2.74 -2.61 15.75
C ASN D 64 4.20 -3.06 15.59
N ARG D 65 4.71 -3.02 14.36
CA ARG D 65 6.07 -3.48 14.09
C ARG D 65 7.10 -2.65 14.84
N CYS D 66 6.83 -1.35 14.98
CA CYS D 66 7.73 -0.45 15.69
C CYS D 66 7.85 -0.83 17.16
N MET D 67 6.72 -1.23 17.75
CA MET D 67 6.70 -1.65 19.14
C MET D 67 7.43 -2.98 19.33
N GLN D 68 7.32 -3.85 18.33
CA GLN D 68 8.06 -5.10 18.33
C GLN D 68 9.54 -4.85 18.15
N SER D 69 9.87 -3.85 17.33
CA SER D 69 11.25 -3.52 17.02
C SER D 69 11.90 -2.68 18.11
N HIS D 70 11.08 -2.14 19.01
CA HIS D 70 11.59 -1.36 20.13
C HIS D 70 12.43 -2.24 21.04
N PHE D 71 12.86 -3.38 20.49
CA PHE D 71 13.78 -4.29 21.17
C PHE D 71 15.00 -4.49 20.28
N CYS D 72 16.07 -3.77 20.63
CA CYS D 72 17.16 -3.38 19.74
C CYS D 72 17.79 -4.39 18.78
N GLY D 73 18.16 -3.88 17.61
CA GLY D 73 19.05 -4.56 16.67
C GLY D 73 18.61 -5.87 16.08
N LYS D 74 17.70 -6.57 16.77
CA LYS D 74 17.30 -7.94 16.42
C LYS D 74 17.21 -8.23 14.92
N VAL D 75 17.31 -9.52 14.58
CA VAL D 75 17.32 -10.00 13.20
C VAL D 75 16.41 -9.20 12.27
#